data_7JIJ
#
_entry.id   7JIJ
#
_cell.length_a   126.688
_cell.length_b   126.688
_cell.length_c   332.384
_cell.angle_alpha   90.000
_cell.angle_beta   90.000
_cell.angle_gamma   120.000
#
_symmetry.space_group_name_H-M   'P 32 2 1'
#
loop_
_entity.id
_entity.type
_entity.pdbx_description
1 polymer 'Maltose/maltodextrin ABC transporter substrate-binding protein MalE'
2 polymer "5'-AMP-activated protein kinase catalytic subunit alpha-1"
3 polymer "5'-AMP-activated protein kinase subunit beta-2"
4 polymer "5'-AMP-activated protein kinase subunit gamma-1"
5 branched alpha-D-glucopyranose-(1-4)-alpha-D-glucopyranose
6 non-polymer "ADENOSINE-5'-TRIPHOSPHATE"
7 non-polymer 'ADENOSINE MONOPHOSPHATE'
8 non-polymer "ADENOSINE-5'-DIPHOSPHATE"
#
loop_
_entity_poly.entity_id
_entity_poly.type
_entity_poly.pdbx_seq_one_letter_code
_entity_poly.pdbx_strand_id
1 'polypeptide(L)'
;MAKIEEGKLVIWINGDKGYNGLAEVGKKFEKDTGIKVTVEHPDKLEEKFPQVAATGDGPDIIFWAHDRFGGYAQSGLLAE
ITPAAAFQDKLYPFTWDAVRYNGKLIAYPIAVEALSLIYNKDLLPNPPKTWEEIPALDKELKAKGKSALMFNLQEPYFTW
PLIAADGGYAFKYENGKYDIKDVGVDNAGAKAGLTFLVDLIKNKHMNADTDYSIAEAAFNKGETAMTINGPWAWSNIDTS
AVNYGVTVLPTFKGQPSKPFVGVLSAGINAASPNKELAKEFLENYLLTDEGLEAVNKDKPLGAVALKSYEEELAKDPRIA
ATMENAQKGEIMPNIPQMSAFWYAVRTAVINAASGRQTVDEALKDAQTNAAEF
;
M
2 'polypeptide(L)'
;VKIGHYILGDTLGVGTFGKVKVGKHELTGHKVAVKILNRQKIRSLDVVGKIRREIQNLKLFRHPHIIKLYQVISTPSDIF
MVMEYVSGGELFDYICKNGRLDEKESRRLFQQILSGVDYCHRHMVVHRDLKPENVLLDAHMNAKIADFGLSNMMSDGEFL
R(TPO)SCGSPNYAAPEVISGRLYAGPEVDIWSSGVILYALLCGTLPFDDDHVPTLFKKICDGIFYTPQYLNPSVISLLK
HMLQVDPMKRATIKDIREHEWFKQDLPKYLFPEDPSYSSTMIDDEALKEVCEKFECSEEEVLSCLYNRNHQDPLAVAYHL
IIDNRRIMNEAKDFYLATSPPDSFLDDHHLTRPHPERVPFLVAETPRARHTLDELNPQKSKHQGVRKAKWHLGIRSQSRP
NDIMAEVCRAIKQLDYEWKVVNPYYLRVRRKNPVTSTYSKMSLQLYQVDSRTYLLDFRSIDDELTPRPGSHTIEFFEMCA
NLIKILAQ
;
A
3 'polypeptide(L)'
;MARPTVIRWSEGGKEVFISGSFNNWSTKIPLIKSHNDFVAILDLPEGEHQYKFFVDGQWVHDPSEPVVTSQLGTINNLIH
VKKSDFEVFDALKLDSMESSETSCRDLSSSPPGPYGQEMYAFRSAARFKSPPILPPHLLQVILNKDTNISCDPALLPEPN
HVMLNHLYALSIKDSVMVLSATHRYKKKYVTTLLYKPI
;
B
4 'polypeptide(L)'
;MGSNNSVYTFFMKSHRCYDLIPTSSKLVVFDTSLQVKKAFFALVTNGVRAAPLWDSKKQSFVGMLTITDFINILHRYYKS
ALVQIYELEEHKIETWREVYLQDSFKPLVCISPNASLFDAVSSLIRNKIHRLPVIDPESGNTLYILTHKRILKFLKLFIT
EFPKPEFMSKSLEELQIGTYANIAMVRTTTPVYVALGIFVQHRVSALPVVDEKGRVVDIYSKFDVINLAAEKTYNNLDVS
VTKALQHRSHYFEGVLKCYLHETLETIINRLVEAEVHRLVVVDENDVVKGIVSLSDILQALVLTGG
;
G
#
loop_
_chem_comp.id
_chem_comp.type
_chem_comp.name
_chem_comp.formula
ADP non-polymer ADENOSINE-5'-DIPHOSPHATE 'C10 H15 N5 O10 P2'
AMP non-polymer 'ADENOSINE MONOPHOSPHATE' 'C10 H14 N5 O7 P'
ATP non-polymer ADENOSINE-5'-TRIPHOSPHATE 'C10 H16 N5 O13 P3'
GLC D-saccharide, alpha linking alpha-D-glucopyranose 'C6 H12 O6'
#
# COMPACT_ATOMS: atom_id res chain seq x y z
N GLY A 7 -7.91 -13.24 -39.35
CA GLY A 7 -7.14 -14.10 -40.23
C GLY A 7 -6.80 -15.44 -39.61
N LYS A 8 -7.04 -15.56 -38.31
CA LYS A 8 -6.76 -16.78 -37.56
C LYS A 8 -7.97 -17.11 -36.68
N LEU A 9 -8.40 -18.36 -36.72
CA LEU A 9 -9.56 -18.82 -35.96
C LEU A 9 -9.09 -19.47 -34.67
N VAL A 10 -9.31 -18.80 -33.55
CA VAL A 10 -9.00 -19.34 -32.23
C VAL A 10 -10.22 -20.08 -31.71
N ILE A 11 -10.03 -21.34 -31.31
CA ILE A 11 -11.10 -22.17 -30.76
C ILE A 11 -10.65 -22.67 -29.40
N TRP A 12 -11.31 -22.20 -28.35
CA TRP A 12 -11.04 -22.68 -27.01
C TRP A 12 -11.84 -23.96 -26.74
N ILE A 13 -11.18 -24.94 -26.16
CA ILE A 13 -11.76 -26.27 -25.97
C ILE A 13 -11.46 -26.74 -24.56
N ASN A 14 -12.34 -27.57 -24.02
CA ASN A 14 -12.16 -28.11 -22.70
C ASN A 14 -10.97 -29.07 -22.66
N GLY A 15 -10.46 -29.32 -21.45
CA GLY A 15 -9.25 -30.12 -21.31
C GLY A 15 -9.48 -31.60 -21.47
N ASP A 16 -10.68 -32.10 -21.16
CA ASP A 16 -10.97 -33.51 -21.38
C ASP A 16 -11.04 -33.84 -22.86
N LYS A 17 -11.46 -32.88 -23.70
CA LYS A 17 -11.51 -33.10 -25.13
C LYS A 17 -10.11 -33.22 -25.72
N GLY A 18 -10.03 -33.89 -26.87
CA GLY A 18 -8.78 -34.05 -27.58
C GLY A 18 -8.66 -33.06 -28.71
N TYR A 19 -7.54 -32.32 -28.71
CA TYR A 19 -7.32 -31.34 -29.76
C TYR A 19 -7.05 -32.01 -31.10
N ASN A 20 -6.36 -33.16 -31.08
CA ASN A 20 -6.01 -33.84 -32.33
C ASN A 20 -7.25 -34.31 -33.10
N GLY A 21 -8.27 -34.81 -32.41
CA GLY A 21 -9.48 -35.23 -33.12
C GLY A 21 -10.18 -34.06 -33.80
N LEU A 22 -10.29 -32.95 -33.08
CA LEU A 22 -10.88 -31.75 -33.66
C LEU A 22 -10.05 -31.30 -34.86
N ALA A 23 -8.72 -31.38 -34.76
CA ALA A 23 -7.86 -30.98 -35.85
C ALA A 23 -8.05 -31.88 -37.07
N GLU A 24 -8.19 -33.18 -36.85
CA GLU A 24 -8.43 -34.08 -37.97
C GLU A 24 -9.74 -33.75 -38.66
N VAL A 25 -10.79 -33.46 -37.89
CA VAL A 25 -12.05 -33.07 -38.53
C VAL A 25 -11.90 -31.76 -39.27
N GLY A 26 -11.12 -30.83 -38.71
CA GLY A 26 -10.95 -29.52 -39.33
C GLY A 26 -10.01 -29.48 -40.52
N LYS A 27 -9.19 -30.53 -40.71
CA LYS A 27 -8.23 -30.53 -41.82
C LYS A 27 -8.91 -30.44 -43.19
N LYS A 28 -10.03 -31.15 -43.37
CA LYS A 28 -10.71 -31.13 -44.66
C LYS A 28 -11.23 -29.74 -45.00
N PHE A 29 -11.86 -29.06 -44.04
CA PHE A 29 -12.30 -27.69 -44.24
C PHE A 29 -11.11 -26.75 -44.41
N GLU A 30 -10.04 -27.01 -43.65
CA GLU A 30 -8.83 -26.20 -43.68
C GLU A 30 -8.15 -26.22 -45.04
N LYS A 31 -8.10 -27.38 -45.69
CA LYS A 31 -7.46 -27.49 -46.99
C LYS A 31 -8.18 -26.64 -48.03
N ASP A 32 -9.50 -26.70 -48.04
CA ASP A 32 -10.27 -25.89 -48.98
C ASP A 32 -10.15 -24.40 -48.67
N THR A 33 -10.29 -24.03 -47.40
CA THR A 33 -10.18 -22.62 -47.03
C THR A 33 -8.75 -22.11 -47.19
N GLY A 34 -7.76 -22.89 -46.75
CA GLY A 34 -6.38 -22.44 -46.76
C GLY A 34 -5.94 -21.72 -45.51
N ILE A 35 -6.74 -21.75 -44.45
CA ILE A 35 -6.45 -21.05 -43.20
C ILE A 35 -6.34 -22.08 -42.09
N LYS A 36 -5.37 -21.89 -41.21
CA LYS A 36 -5.08 -22.84 -40.14
C LYS A 36 -5.67 -22.36 -38.83
N VAL A 37 -6.12 -23.32 -38.02
CA VAL A 37 -6.87 -23.06 -36.79
C VAL A 37 -6.00 -23.43 -35.60
N THR A 38 -5.84 -22.48 -34.67
CA THR A 38 -5.14 -22.73 -33.42
C THR A 38 -6.13 -23.24 -32.37
N VAL A 39 -5.68 -24.21 -31.57
CA VAL A 39 -6.51 -24.83 -30.54
C VAL A 39 -5.75 -24.79 -29.23
N GLU A 40 -6.35 -24.15 -28.23
CA GLU A 40 -5.84 -24.10 -26.87
C GLU A 40 -6.88 -24.69 -25.92
N HIS A 41 -6.44 -25.00 -24.70
CA HIS A 41 -7.32 -25.49 -23.63
C HIS A 41 -7.07 -24.71 -22.35
N PRO A 42 -7.68 -23.54 -22.20
CA PRO A 42 -7.53 -22.79 -20.95
C PRO A 42 -8.34 -23.40 -19.81
N ASP A 43 -7.75 -23.41 -18.62
CA ASP A 43 -8.41 -23.97 -17.46
C ASP A 43 -9.59 -23.09 -17.02
N LYS A 44 -10.65 -23.74 -16.57
CA LYS A 44 -11.88 -23.08 -16.11
C LYS A 44 -12.49 -22.22 -17.22
N LEU A 45 -12.91 -22.92 -18.28
CA LEU A 45 -13.54 -22.29 -19.43
C LEU A 45 -14.96 -21.81 -19.14
N GLU A 46 -15.48 -22.11 -17.94
CA GLU A 46 -16.79 -21.58 -17.54
C GLU A 46 -16.74 -20.07 -17.36
N GLU A 47 -15.65 -19.56 -16.80
CA GLU A 47 -15.48 -18.14 -16.53
C GLU A 47 -14.73 -17.39 -17.62
N LYS A 48 -14.08 -18.09 -18.54
CA LYS A 48 -13.27 -17.41 -19.54
C LYS A 48 -14.07 -16.95 -20.75
N PHE A 49 -15.23 -17.54 -21.02
CA PHE A 49 -16.01 -17.08 -22.17
C PHE A 49 -16.85 -15.83 -21.93
N PRO A 50 -17.62 -15.72 -20.84
CA PRO A 50 -18.42 -14.50 -20.64
C PRO A 50 -17.63 -13.27 -20.21
N GLN A 51 -16.31 -13.36 -20.08
CA GLN A 51 -15.51 -12.15 -19.91
C GLN A 51 -15.32 -11.42 -21.23
N VAL A 52 -14.91 -12.15 -22.27
CA VAL A 52 -14.69 -11.56 -23.58
C VAL A 52 -15.95 -11.55 -24.44
N ALA A 53 -16.94 -12.39 -24.12
CA ALA A 53 -18.18 -12.41 -24.88
C ALA A 53 -19.00 -11.15 -24.66
N ALA A 54 -18.94 -10.57 -23.46
CA ALA A 54 -19.68 -9.35 -23.19
C ALA A 54 -19.11 -8.16 -23.97
N THR A 55 -17.82 -8.20 -24.30
CA THR A 55 -17.19 -7.13 -25.08
C THR A 55 -16.92 -7.51 -26.53
N GLY A 56 -16.96 -8.79 -26.88
CA GLY A 56 -16.63 -9.23 -28.22
C GLY A 56 -15.17 -9.49 -28.49
N ASP A 57 -14.35 -9.61 -27.45
CA ASP A 57 -12.90 -9.76 -27.60
C ASP A 57 -12.51 -11.22 -27.84
N GLY A 58 -11.25 -11.40 -28.22
CA GLY A 58 -10.59 -12.69 -28.23
C GLY A 58 -11.13 -13.74 -29.19
N PRO A 59 -11.52 -14.89 -28.64
CA PRO A 59 -11.78 -16.08 -29.46
C PRO A 59 -13.01 -15.92 -30.36
N ASP A 60 -13.13 -16.89 -31.28
CA ASP A 60 -14.20 -16.92 -32.27
C ASP A 60 -15.25 -17.98 -31.99
N ILE A 61 -14.84 -19.19 -31.58
CA ILE A 61 -15.75 -20.31 -31.40
C ILE A 61 -15.54 -20.88 -30.01
N ILE A 62 -16.63 -21.14 -29.29
CA ILE A 62 -16.57 -21.72 -27.95
C ILE A 62 -17.29 -23.08 -27.96
N PHE A 63 -16.62 -24.10 -27.43
CA PHE A 63 -17.19 -25.43 -27.28
C PHE A 63 -17.62 -25.61 -25.83
N TRP A 64 -18.92 -25.81 -25.59
CA TRP A 64 -19.39 -25.95 -24.22
C TRP A 64 -20.79 -26.56 -24.22
N ALA A 65 -21.24 -26.97 -23.03
CA ALA A 65 -22.57 -27.54 -22.90
C ALA A 65 -23.64 -26.52 -23.27
N HIS A 66 -24.79 -27.04 -23.73
CA HIS A 66 -25.86 -26.17 -24.18
C HIS A 66 -26.51 -25.40 -23.04
N ASP A 67 -26.57 -25.98 -21.84
CA ASP A 67 -27.39 -25.42 -20.78
C ASP A 67 -26.92 -24.04 -20.36
N ARG A 68 -25.61 -23.85 -20.19
CA ARG A 68 -25.10 -22.55 -19.78
C ARG A 68 -25.02 -21.58 -20.94
N PHE A 69 -25.67 -21.92 -22.06
CA PHE A 69 -25.92 -20.96 -23.10
C PHE A 69 -27.28 -20.30 -22.92
N GLY A 70 -28.20 -20.99 -22.25
CA GLY A 70 -29.51 -20.41 -21.99
C GLY A 70 -29.52 -19.28 -20.99
N GLY A 71 -28.38 -19.00 -20.37
CA GLY A 71 -28.21 -17.79 -19.60
C GLY A 71 -27.39 -16.80 -20.39
N TYR A 72 -26.53 -17.31 -21.27
CA TYR A 72 -25.85 -16.44 -22.22
C TYR A 72 -26.85 -15.83 -23.21
N ALA A 73 -27.84 -16.62 -23.64
CA ALA A 73 -28.84 -16.12 -24.57
C ALA A 73 -29.75 -15.10 -23.92
N GLN A 74 -30.14 -15.33 -22.66
CA GLN A 74 -30.99 -14.38 -21.96
C GLN A 74 -30.30 -13.03 -21.81
N SER A 75 -28.97 -13.03 -21.72
CA SER A 75 -28.23 -11.77 -21.71
C SER A 75 -28.33 -11.05 -23.04
N GLY A 76 -28.46 -11.80 -24.14
CA GLY A 76 -28.42 -11.24 -25.47
C GLY A 76 -27.07 -11.33 -26.16
N LEU A 77 -26.10 -12.04 -25.57
CA LEU A 77 -24.77 -12.10 -26.15
C LEU A 77 -24.74 -13.02 -27.38
N LEU A 78 -25.48 -14.12 -27.34
CA LEU A 78 -25.36 -15.16 -28.36
C LEU A 78 -25.99 -14.75 -29.68
N ALA A 79 -25.55 -15.40 -30.75
CA ALA A 79 -26.02 -15.16 -32.10
C ALA A 79 -27.38 -15.82 -32.33
N GLU A 80 -28.00 -15.44 -33.45
CA GLU A 80 -29.35 -15.87 -33.81
C GLU A 80 -29.33 -16.58 -35.16
N ILE A 81 -30.03 -17.73 -35.25
CA ILE A 81 -30.19 -18.45 -36.50
C ILE A 81 -31.68 -18.75 -36.70
N THR A 82 -32.04 -19.05 -37.95
CA THR A 82 -33.40 -19.33 -38.35
C THR A 82 -33.51 -20.72 -38.96
N PRO A 83 -34.49 -21.53 -38.58
CA PRO A 83 -34.61 -22.88 -39.16
C PRO A 83 -35.13 -22.85 -40.59
N ALA A 84 -34.84 -23.93 -41.31
CA ALA A 84 -35.28 -24.10 -42.69
C ALA A 84 -36.16 -25.33 -42.80
N ALA A 85 -37.22 -25.23 -43.60
CA ALA A 85 -38.23 -26.27 -43.65
C ALA A 85 -37.69 -27.55 -44.29
N ALA A 86 -36.92 -27.44 -45.37
CA ALA A 86 -36.40 -28.62 -46.03
C ALA A 86 -35.19 -29.23 -45.33
N PHE A 87 -34.53 -28.47 -44.45
CA PHE A 87 -33.35 -28.95 -43.74
C PHE A 87 -33.67 -29.49 -42.36
N GLN A 88 -34.54 -28.81 -41.61
CA GLN A 88 -34.84 -29.22 -40.25
C GLN A 88 -35.49 -30.60 -40.21
N ASP A 89 -36.47 -30.83 -41.08
CA ASP A 89 -37.20 -32.09 -41.06
C ASP A 89 -36.33 -33.27 -41.47
N LYS A 90 -35.55 -33.11 -42.55
CA LYS A 90 -34.74 -34.23 -43.04
C LYS A 90 -33.62 -34.59 -42.07
N LEU A 91 -32.90 -33.59 -41.55
CA LEU A 91 -31.76 -33.88 -40.70
C LEU A 91 -32.18 -34.49 -39.37
N TYR A 92 -33.15 -33.89 -38.68
CA TYR A 92 -33.43 -34.36 -37.33
C TYR A 92 -34.91 -34.35 -36.94
N PRO A 93 -35.40 -35.42 -36.34
CA PRO A 93 -36.82 -35.48 -35.96
C PRO A 93 -37.16 -34.55 -34.82
N PHE A 94 -36.31 -34.51 -33.79
CA PHE A 94 -36.75 -33.90 -32.56
C PHE A 94 -35.73 -33.03 -31.82
N THR A 95 -34.45 -33.12 -32.17
CA THR A 95 -33.42 -32.41 -31.41
C THR A 95 -33.68 -30.91 -31.37
N TRP A 96 -34.39 -30.39 -32.38
CA TRP A 96 -34.67 -28.96 -32.43
C TRP A 96 -35.35 -28.48 -31.16
N ASP A 97 -36.24 -29.31 -30.58
CA ASP A 97 -36.88 -28.96 -29.32
C ASP A 97 -35.88 -28.47 -28.28
N ALA A 98 -34.71 -29.09 -28.22
CA ALA A 98 -33.76 -28.75 -27.17
C ALA A 98 -33.06 -27.42 -27.39
N VAL A 99 -32.97 -26.95 -28.63
CA VAL A 99 -32.27 -25.72 -28.94
C VAL A 99 -33.22 -24.61 -29.39
N ARG A 100 -34.51 -24.73 -29.09
CA ARG A 100 -35.51 -23.76 -29.54
C ARG A 100 -35.83 -22.83 -28.38
N TYR A 101 -35.21 -21.65 -28.40
CA TYR A 101 -35.39 -20.64 -27.36
C TYR A 101 -36.23 -19.51 -27.92
N ASN A 102 -37.43 -19.33 -27.38
CA ASN A 102 -38.35 -18.25 -27.77
C ASN A 102 -38.76 -18.38 -29.23
N GLY A 103 -38.99 -19.62 -29.68
CA GLY A 103 -39.38 -19.89 -31.04
C GLY A 103 -38.28 -19.79 -32.07
N LYS A 104 -37.06 -19.46 -31.66
CA LYS A 104 -35.93 -19.28 -32.57
C LYS A 104 -34.80 -20.21 -32.15
N LEU A 105 -34.22 -20.89 -33.13
CA LEU A 105 -33.07 -21.75 -32.84
C LEU A 105 -31.87 -20.90 -32.48
N ILE A 106 -31.12 -21.34 -31.47
CA ILE A 106 -29.93 -20.63 -31.01
C ILE A 106 -28.69 -21.51 -31.00
N ALA A 107 -28.83 -22.82 -31.19
CA ALA A 107 -27.69 -23.72 -31.07
C ALA A 107 -27.90 -24.91 -31.99
N TYR A 108 -26.78 -25.51 -32.38
CA TYR A 108 -26.81 -26.66 -33.27
C TYR A 108 -26.70 -27.95 -32.46
N PRO A 109 -27.74 -28.77 -32.39
CA PRO A 109 -27.67 -30.02 -31.63
C PRO A 109 -26.74 -31.02 -32.31
N ILE A 110 -25.72 -31.45 -31.58
CA ILE A 110 -24.67 -32.32 -32.11
C ILE A 110 -24.82 -33.74 -31.61
N ALA A 111 -24.95 -33.92 -30.30
CA ALA A 111 -24.85 -35.26 -29.71
C ALA A 111 -25.79 -35.36 -28.53
N VAL A 112 -26.65 -36.36 -28.56
CA VAL A 112 -27.43 -36.75 -27.38
C VAL A 112 -26.51 -37.57 -26.48
N GLU A 113 -26.24 -37.06 -25.28
CA GLU A 113 -25.27 -37.67 -24.38
C GLU A 113 -25.92 -37.99 -23.04
N ALA A 114 -25.47 -39.08 -22.43
CA ALA A 114 -25.94 -39.47 -21.11
C ALA A 114 -24.83 -40.20 -20.36
N LEU A 115 -24.93 -40.18 -19.04
CA LEU A 115 -23.94 -40.81 -18.17
C LEU A 115 -24.15 -42.31 -18.12
N SER A 116 -23.10 -43.05 -17.78
CA SER A 116 -23.16 -44.50 -17.75
C SER A 116 -22.16 -45.03 -16.73
N LEU A 117 -22.33 -46.30 -16.36
CA LEU A 117 -21.45 -46.97 -15.41
C LEU A 117 -20.35 -47.71 -16.17
N ILE A 118 -19.10 -47.43 -15.81
CA ILE A 118 -17.93 -48.05 -16.44
C ILE A 118 -17.31 -48.97 -15.41
N TYR A 119 -17.59 -50.27 -15.51
CA TYR A 119 -17.21 -51.22 -14.46
C TYR A 119 -16.09 -52.16 -14.93
N ASN A 120 -15.26 -52.58 -13.98
CA ASN A 120 -14.24 -53.59 -14.24
C ASN A 120 -14.90 -54.95 -14.44
N LYS A 121 -14.35 -55.74 -15.37
CA LYS A 121 -14.86 -57.08 -15.63
C LYS A 121 -14.10 -58.17 -14.89
N ASP A 122 -12.76 -58.10 -14.87
CA ASP A 122 -11.99 -59.16 -14.22
C ASP A 122 -12.19 -59.15 -12.71
N LEU A 123 -12.24 -57.97 -12.11
CA LEU A 123 -12.52 -57.82 -10.69
C LEU A 123 -13.91 -57.19 -10.54
N LEU A 124 -14.69 -57.69 -9.58
CA LEU A 124 -16.13 -57.42 -9.51
C LEU A 124 -16.81 -57.83 -10.82
N PRO A 125 -16.93 -59.14 -11.09
CA PRO A 125 -17.45 -59.57 -12.39
C PRO A 125 -18.88 -59.14 -12.66
N ASN A 126 -19.72 -59.01 -11.64
CA ASN A 126 -21.09 -58.59 -11.83
C ASN A 126 -21.27 -57.16 -11.36
N PRO A 127 -21.76 -56.26 -12.21
CA PRO A 127 -21.94 -54.87 -11.80
C PRO A 127 -23.22 -54.71 -11.01
N PRO A 128 -23.25 -53.78 -10.06
CA PRO A 128 -24.48 -53.54 -9.30
C PRO A 128 -25.54 -52.85 -10.16
N LYS A 129 -26.78 -52.94 -9.69
CA LYS A 129 -27.90 -52.26 -10.33
C LYS A 129 -28.69 -51.38 -9.38
N THR A 130 -28.32 -51.30 -8.11
CA THR A 130 -28.99 -50.45 -7.14
C THR A 130 -27.95 -49.65 -6.35
N TRP A 131 -28.36 -48.48 -5.87
CA TRP A 131 -27.52 -47.70 -4.99
C TRP A 131 -27.49 -48.23 -3.57
N GLU A 132 -28.39 -49.16 -3.22
CA GLU A 132 -28.49 -49.65 -1.85
C GLU A 132 -27.50 -50.77 -1.54
N GLU A 133 -26.85 -51.35 -2.54
CA GLU A 133 -25.86 -52.39 -2.32
C GLU A 133 -24.44 -51.90 -2.60
N ILE A 134 -24.26 -50.60 -2.80
CA ILE A 134 -22.94 -50.03 -3.05
C ILE A 134 -22.16 -49.83 -1.76
N PRO A 135 -22.75 -49.34 -0.66
CA PRO A 135 -22.00 -49.35 0.61
C PRO A 135 -21.84 -50.73 1.21
N ALA A 136 -22.67 -51.70 0.82
CA ALA A 136 -22.41 -53.09 1.20
C ALA A 136 -21.37 -53.74 0.30
N LEU A 137 -21.23 -53.27 -0.95
CA LEU A 137 -20.17 -53.78 -1.80
C LEU A 137 -18.83 -53.16 -1.43
N ASP A 138 -18.85 -51.93 -0.90
CA ASP A 138 -17.63 -51.35 -0.33
C ASP A 138 -17.30 -51.98 1.03
N LYS A 139 -18.31 -52.33 1.82
CA LYS A 139 -18.07 -53.06 3.06
C LYS A 139 -17.45 -54.42 2.77
N GLU A 140 -17.85 -55.06 1.67
CA GLU A 140 -17.23 -56.32 1.29
C GLU A 140 -15.85 -56.15 0.68
N LEU A 141 -15.62 -55.07 -0.07
CA LEU A 141 -14.35 -54.85 -0.75
C LEU A 141 -13.28 -54.20 0.12
N LYS A 142 -13.64 -53.68 1.30
CA LYS A 142 -12.60 -53.16 2.19
C LYS A 142 -11.93 -54.25 3.02
N ALA A 143 -12.16 -55.52 2.68
CA ALA A 143 -11.37 -56.62 3.21
C ALA A 143 -10.28 -57.06 2.26
N LYS A 144 -10.43 -56.80 0.97
CA LYS A 144 -9.44 -57.15 -0.04
C LYS A 144 -8.49 -56.01 -0.38
N GLY A 145 -8.78 -54.79 0.06
CA GLY A 145 -7.96 -53.65 -0.26
C GLY A 145 -8.41 -52.82 -1.45
N LYS A 146 -9.58 -53.10 -2.01
CA LYS A 146 -10.12 -52.36 -3.14
C LYS A 146 -11.29 -51.48 -2.68
N SER A 147 -11.83 -50.72 -3.62
CA SER A 147 -12.96 -49.83 -3.37
C SER A 147 -13.98 -50.01 -4.48
N ALA A 148 -15.25 -49.79 -4.15
CA ALA A 148 -16.33 -50.02 -5.11
C ALA A 148 -16.47 -48.84 -6.06
N LEU A 149 -16.80 -47.67 -5.53
CA LEU A 149 -17.06 -46.48 -6.34
C LEU A 149 -16.24 -45.31 -5.80
N MET A 150 -15.49 -44.66 -6.70
CA MET A 150 -14.66 -43.49 -6.35
C MET A 150 -14.78 -42.48 -7.49
N PHE A 151 -15.72 -41.55 -7.36
CA PHE A 151 -15.96 -40.54 -8.39
C PHE A 151 -15.73 -39.14 -7.83
N ASN A 152 -15.77 -38.17 -8.72
CA ASN A 152 -15.54 -36.78 -8.37
C ASN A 152 -16.67 -36.26 -7.49
N LEU A 153 -16.35 -35.89 -6.26
CA LEU A 153 -17.32 -35.32 -5.33
C LEU A 153 -17.32 -33.80 -5.32
N GLN A 154 -16.61 -33.16 -6.24
CA GLN A 154 -16.56 -31.70 -6.31
C GLN A 154 -17.52 -31.12 -7.32
N GLU A 155 -17.89 -31.86 -8.37
CA GLU A 155 -18.83 -31.40 -9.38
C GLU A 155 -20.20 -32.01 -9.13
N PRO A 156 -21.28 -31.22 -9.13
CA PRO A 156 -22.60 -31.77 -8.80
C PRO A 156 -23.27 -32.51 -9.95
N TYR A 157 -22.66 -32.49 -11.14
CA TYR A 157 -23.18 -33.27 -12.26
C TYR A 157 -23.12 -34.76 -11.97
N PHE A 158 -22.12 -35.21 -11.22
CA PHE A 158 -21.98 -36.61 -10.86
C PHE A 158 -22.77 -36.96 -9.61
N THR A 159 -22.89 -36.02 -8.68
CA THR A 159 -23.41 -36.30 -7.35
C THR A 159 -24.94 -36.16 -7.25
N TRP A 160 -25.54 -35.30 -8.08
CA TRP A 160 -27.00 -35.12 -8.07
C TRP A 160 -27.82 -36.41 -8.11
N PRO A 161 -27.62 -37.35 -9.05
CA PRO A 161 -28.54 -38.50 -9.14
C PRO A 161 -28.55 -39.41 -7.91
N LEU A 162 -27.68 -39.15 -6.94
CA LEU A 162 -27.77 -39.82 -5.66
C LEU A 162 -28.57 -39.01 -4.64
N ILE A 163 -28.50 -37.68 -4.75
CA ILE A 163 -29.26 -36.81 -3.85
C ILE A 163 -30.74 -36.83 -4.22
N ALA A 164 -31.04 -36.69 -5.51
CA ALA A 164 -32.43 -36.56 -5.97
C ALA A 164 -33.14 -37.89 -6.13
N ALA A 165 -32.49 -39.00 -5.78
CA ALA A 165 -33.09 -40.32 -5.99
C ALA A 165 -34.04 -40.74 -4.87
N ASP A 166 -33.93 -40.14 -3.68
CA ASP A 166 -34.75 -40.52 -2.54
C ASP A 166 -36.08 -39.78 -2.49
N GLY A 167 -36.34 -38.89 -3.45
CA GLY A 167 -37.57 -38.12 -3.45
C GLY A 167 -37.35 -36.65 -3.14
N GLY A 168 -36.19 -36.14 -3.55
CA GLY A 168 -35.90 -34.72 -3.42
C GLY A 168 -35.81 -34.07 -4.79
N TYR A 169 -36.71 -33.12 -5.06
CA TYR A 169 -36.82 -32.52 -6.38
C TYR A 169 -36.78 -31.01 -6.26
N ALA A 170 -35.89 -30.40 -7.05
CA ALA A 170 -35.80 -28.94 -7.07
C ALA A 170 -36.90 -28.31 -7.91
N PHE A 171 -37.42 -29.03 -8.90
CA PHE A 171 -38.24 -28.41 -9.92
C PHE A 171 -39.11 -29.49 -10.56
N LYS A 172 -40.36 -29.15 -10.81
CA LYS A 172 -41.31 -30.04 -11.46
C LYS A 172 -41.68 -29.49 -12.82
N TYR A 173 -41.67 -30.36 -13.83
CA TYR A 173 -41.98 -29.99 -15.20
C TYR A 173 -42.99 -30.95 -15.80
N GLU A 174 -44.07 -31.20 -15.06
CA GLU A 174 -45.21 -31.91 -15.63
C GLU A 174 -45.92 -31.04 -16.66
N ASN A 175 -46.01 -29.74 -16.41
CA ASN A 175 -46.63 -28.80 -17.32
C ASN A 175 -45.82 -27.50 -17.31
N GLY A 176 -46.23 -26.55 -18.15
CA GLY A 176 -45.56 -25.27 -18.19
C GLY A 176 -45.67 -24.48 -16.90
N LYS A 177 -46.79 -24.61 -16.20
CA LYS A 177 -47.00 -23.88 -14.96
C LYS A 177 -46.08 -24.37 -13.84
N TYR A 178 -45.57 -23.42 -13.06
CA TYR A 178 -44.73 -23.72 -11.90
C TYR A 178 -44.77 -22.52 -10.95
N ASP A 179 -44.47 -22.78 -9.68
CA ASP A 179 -44.52 -21.76 -8.64
C ASP A 179 -43.11 -21.36 -8.25
N ILE A 180 -42.77 -20.08 -8.48
CA ILE A 180 -41.45 -19.59 -8.10
C ILE A 180 -41.35 -19.44 -6.58
N LYS A 181 -42.47 -19.20 -5.91
CA LYS A 181 -42.44 -19.01 -4.46
C LYS A 181 -42.08 -20.30 -3.74
N ASP A 182 -42.54 -21.44 -4.24
CA ASP A 182 -42.27 -22.71 -3.59
C ASP A 182 -40.80 -23.09 -3.71
N VAL A 183 -40.19 -23.47 -2.58
CA VAL A 183 -38.80 -23.93 -2.51
C VAL A 183 -38.81 -25.37 -2.06
N GLY A 184 -38.18 -26.25 -2.85
CA GLY A 184 -38.38 -27.67 -2.66
C GLY A 184 -37.20 -28.60 -2.43
N VAL A 185 -36.02 -28.07 -2.10
CA VAL A 185 -34.85 -28.94 -1.95
C VAL A 185 -34.59 -29.34 -0.49
N ASP A 186 -35.32 -28.77 0.46
CA ASP A 186 -35.21 -29.13 1.86
C ASP A 186 -36.16 -30.27 2.24
N ASN A 187 -36.73 -30.94 1.24
CA ASN A 187 -37.71 -31.98 1.49
C ASN A 187 -37.02 -33.24 2.01
N ALA A 188 -37.81 -34.31 2.16
CA ALA A 188 -37.34 -35.51 2.84
C ALA A 188 -36.31 -36.26 2.01
N GLY A 189 -36.59 -36.43 0.72
CA GLY A 189 -35.65 -37.14 -0.15
C GLY A 189 -34.26 -36.57 -0.14
N ALA A 190 -34.15 -35.25 -0.34
CA ALA A 190 -32.82 -34.63 -0.37
C ALA A 190 -32.18 -34.63 1.02
N LYS A 191 -32.99 -34.65 2.08
CA LYS A 191 -32.43 -34.78 3.42
C LYS A 191 -31.81 -36.15 3.60
N ALA A 192 -32.49 -37.20 3.14
CA ALA A 192 -31.96 -38.55 3.30
C ALA A 192 -30.81 -38.81 2.34
N GLY A 193 -30.73 -38.11 1.22
CA GLY A 193 -29.63 -38.35 0.30
C GLY A 193 -28.37 -37.61 0.67
N LEU A 194 -28.50 -36.37 1.16
CA LEU A 194 -27.31 -35.69 1.70
C LEU A 194 -26.88 -36.32 3.01
N THR A 195 -27.83 -36.73 3.86
CA THR A 195 -27.48 -37.42 5.10
C THR A 195 -26.81 -38.75 4.82
N PHE A 196 -27.22 -39.46 3.76
CA PHE A 196 -26.58 -40.71 3.40
C PHE A 196 -25.21 -40.52 2.75
N LEU A 197 -24.98 -39.38 2.10
CA LEU A 197 -23.63 -39.14 1.60
C LEU A 197 -22.69 -38.63 2.69
N VAL A 198 -23.24 -37.99 3.73
CA VAL A 198 -22.42 -37.64 4.88
C VAL A 198 -22.17 -38.87 5.76
N ASP A 199 -23.09 -39.84 5.76
CA ASP A 199 -22.83 -41.12 6.41
C ASP A 199 -21.91 -42.01 5.59
N LEU A 200 -21.79 -41.75 4.27
CA LEU A 200 -20.79 -42.46 3.48
C LEU A 200 -19.40 -41.86 3.67
N ILE A 201 -19.31 -40.54 3.86
CA ILE A 201 -18.00 -39.94 4.12
C ILE A 201 -17.55 -40.22 5.55
N LYS A 202 -18.46 -40.13 6.52
CA LYS A 202 -18.08 -40.31 7.92
C LYS A 202 -17.65 -41.75 8.20
N ASN A 203 -18.28 -42.73 7.55
CA ASN A 203 -17.94 -44.13 7.76
C ASN A 203 -16.70 -44.56 6.99
N LYS A 204 -15.94 -43.61 6.45
CA LYS A 204 -14.64 -43.86 5.82
C LYS A 204 -14.75 -44.78 4.60
N HIS A 205 -15.88 -44.70 3.89
CA HIS A 205 -15.99 -45.44 2.63
C HIS A 205 -15.42 -44.62 1.47
N MET A 206 -15.70 -43.33 1.44
CA MET A 206 -15.30 -42.47 0.34
C MET A 206 -14.42 -41.33 0.86
N ASN A 207 -13.33 -41.07 0.15
CA ASN A 207 -12.49 -39.93 0.48
C ASN A 207 -13.15 -38.65 0.01
N ALA A 208 -13.22 -37.65 0.91
CA ALA A 208 -13.86 -36.38 0.61
C ALA A 208 -12.88 -35.34 0.05
N ASP A 209 -11.73 -35.79 -0.47
CA ASP A 209 -10.73 -34.89 -1.02
C ASP A 209 -10.47 -35.13 -2.51
N THR A 210 -11.14 -36.10 -3.12
CA THR A 210 -10.90 -36.41 -4.53
C THR A 210 -11.63 -35.40 -5.41
N ASP A 211 -10.88 -34.71 -6.26
CA ASP A 211 -11.44 -33.83 -7.27
C ASP A 211 -11.38 -34.52 -8.63
N TYR A 212 -11.63 -33.74 -9.70
CA TYR A 212 -11.59 -34.30 -11.05
C TYR A 212 -10.20 -34.81 -11.41
N SER A 213 -9.16 -34.10 -10.99
CA SER A 213 -7.80 -34.49 -11.35
C SER A 213 -7.39 -35.79 -10.66
N ILE A 214 -7.70 -35.92 -9.37
CA ILE A 214 -7.33 -37.12 -8.64
C ILE A 214 -8.06 -38.34 -9.20
N ALA A 215 -9.37 -38.20 -9.45
CA ALA A 215 -10.11 -39.33 -10.00
C ALA A 215 -9.69 -39.62 -11.43
N GLU A 216 -9.20 -38.62 -12.16
CA GLU A 216 -8.80 -38.85 -13.54
C GLU A 216 -7.43 -39.54 -13.62
N ALA A 217 -6.55 -39.23 -12.68
CA ALA A 217 -5.27 -39.93 -12.63
C ALA A 217 -5.40 -41.32 -12.03
N ALA A 218 -6.32 -41.50 -11.08
CA ALA A 218 -6.58 -42.83 -10.54
C ALA A 218 -7.34 -43.71 -11.51
N PHE A 219 -8.08 -43.12 -12.45
CA PHE A 219 -8.77 -43.94 -13.44
C PHE A 219 -7.93 -44.21 -14.68
N ASN A 220 -7.13 -43.24 -15.13
CA ASN A 220 -6.27 -43.49 -16.28
C ASN A 220 -5.19 -44.52 -15.99
N LYS A 221 -4.81 -44.68 -14.73
CA LYS A 221 -3.84 -45.70 -14.34
C LYS A 221 -4.48 -47.02 -13.93
N GLY A 222 -5.79 -47.05 -13.76
CA GLY A 222 -6.47 -48.26 -13.34
C GLY A 222 -6.43 -48.51 -11.85
N GLU A 223 -6.40 -47.46 -11.03
CA GLU A 223 -6.41 -47.62 -9.58
C GLU A 223 -7.81 -47.70 -8.99
N THR A 224 -8.82 -47.18 -9.71
CA THR A 224 -10.21 -47.28 -9.30
C THR A 224 -10.98 -48.06 -10.36
N ALA A 225 -11.84 -48.97 -9.90
CA ALA A 225 -12.56 -49.85 -10.82
C ALA A 225 -13.74 -49.14 -11.48
N MET A 226 -14.35 -48.17 -10.80
CA MET A 226 -15.57 -47.54 -11.30
C MET A 226 -15.48 -46.03 -11.12
N THR A 227 -15.78 -45.29 -12.20
CA THR A 227 -16.09 -43.87 -12.11
C THR A 227 -17.09 -43.54 -13.21
N ILE A 228 -17.91 -42.53 -12.97
CA ILE A 228 -18.92 -42.08 -13.93
C ILE A 228 -18.36 -40.84 -14.62
N ASN A 229 -17.70 -41.05 -15.75
CA ASN A 229 -17.04 -39.97 -16.48
C ASN A 229 -17.70 -39.70 -17.83
N GLY A 230 -17.79 -40.70 -18.70
CA GLY A 230 -18.38 -40.52 -19.99
C GLY A 230 -17.56 -41.10 -21.13
N PRO A 231 -17.86 -40.69 -22.37
CA PRO A 231 -17.21 -41.29 -23.54
C PRO A 231 -15.76 -40.87 -23.73
N TRP A 232 -15.25 -39.91 -22.96
CA TRP A 232 -13.85 -39.51 -23.09
C TRP A 232 -12.91 -40.64 -22.66
N ALA A 233 -13.04 -41.08 -21.40
CA ALA A 233 -12.01 -41.88 -20.76
C ALA A 233 -11.89 -43.27 -21.36
N TRP A 234 -12.81 -43.68 -22.23
CA TRP A 234 -12.63 -44.96 -22.89
C TRP A 234 -11.39 -44.95 -23.78
N SER A 235 -11.05 -43.78 -24.33
CA SER A 235 -9.83 -43.67 -25.14
C SER A 235 -8.60 -43.88 -24.28
N ASN A 236 -8.70 -43.64 -22.97
CA ASN A 236 -7.62 -43.92 -22.05
C ASN A 236 -7.70 -45.32 -21.43
N ILE A 237 -8.87 -45.97 -21.48
CA ILE A 237 -8.92 -47.35 -21.02
C ILE A 237 -8.23 -48.27 -22.01
N ASP A 238 -8.23 -47.90 -23.30
CA ASP A 238 -7.57 -48.71 -24.32
C ASP A 238 -6.06 -48.77 -24.12
N THR A 239 -5.47 -47.82 -23.40
CA THR A 239 -4.08 -47.88 -23.00
C THR A 239 -3.88 -48.68 -21.72
N SER A 240 -4.96 -48.97 -21.00
CA SER A 240 -4.91 -49.66 -19.72
C SER A 240 -5.27 -51.14 -19.88
N ALA A 241 -4.69 -51.95 -19.00
CA ALA A 241 -4.89 -53.39 -19.04
C ALA A 241 -6.29 -53.82 -18.61
N VAL A 242 -7.04 -52.93 -17.95
CA VAL A 242 -8.28 -53.33 -17.30
C VAL A 242 -9.34 -53.66 -18.34
N ASN A 243 -9.86 -54.88 -18.28
CA ASN A 243 -11.01 -55.27 -19.11
C ASN A 243 -12.28 -54.72 -18.48
N TYR A 244 -13.13 -54.09 -19.30
CA TYR A 244 -14.15 -53.19 -18.80
C TYR A 244 -15.46 -53.37 -19.54
N GLY A 245 -16.54 -52.91 -18.89
CA GLY A 245 -17.86 -52.87 -19.50
C GLY A 245 -18.54 -51.55 -19.20
N VAL A 246 -19.65 -51.32 -19.90
CA VAL A 246 -20.45 -50.10 -19.76
C VAL A 246 -21.90 -50.51 -19.59
N THR A 247 -22.46 -50.26 -18.42
CA THR A 247 -23.79 -50.73 -18.04
C THR A 247 -24.61 -49.59 -17.44
N VAL A 248 -25.90 -49.89 -17.25
CA VAL A 248 -26.86 -48.90 -16.79
C VAL A 248 -26.53 -48.40 -15.39
N LEU A 249 -26.69 -47.09 -15.19
CA LEU A 249 -26.57 -46.50 -13.87
C LEU A 249 -27.52 -47.17 -12.88
N PRO A 250 -27.14 -47.31 -11.61
CA PRO A 250 -27.98 -48.06 -10.67
C PRO A 250 -29.23 -47.32 -10.25
N THR A 251 -30.29 -48.08 -10.02
CA THR A 251 -31.57 -47.56 -9.55
C THR A 251 -31.52 -47.30 -8.04
N PHE A 252 -32.64 -46.83 -7.48
CA PHE A 252 -32.70 -46.51 -6.06
C PHE A 252 -34.12 -46.72 -5.58
N LYS A 253 -34.33 -47.73 -4.73
CA LYS A 253 -35.65 -48.07 -4.19
C LYS A 253 -36.67 -48.38 -5.29
N GLY A 254 -36.19 -48.97 -6.38
CA GLY A 254 -37.01 -49.18 -7.57
C GLY A 254 -36.93 -48.04 -8.55
N GLN A 255 -36.88 -46.81 -8.05
CA GLN A 255 -36.85 -45.63 -8.91
C GLN A 255 -35.46 -45.49 -9.54
N PRO A 256 -35.35 -45.41 -10.86
CA PRO A 256 -34.02 -45.33 -11.49
C PRO A 256 -33.38 -43.96 -11.30
N SER A 257 -32.07 -43.93 -11.46
CA SER A 257 -31.34 -42.68 -11.45
C SER A 257 -31.70 -41.85 -12.69
N LYS A 258 -31.59 -40.53 -12.55
CA LYS A 258 -31.95 -39.59 -13.61
C LYS A 258 -30.71 -38.79 -14.01
N PRO A 259 -29.91 -39.29 -14.94
CA PRO A 259 -28.75 -38.51 -15.41
C PRO A 259 -29.20 -37.38 -16.33
N PHE A 260 -28.51 -36.25 -16.21
CA PHE A 260 -28.80 -35.11 -17.07
C PHE A 260 -28.25 -35.32 -18.47
N VAL A 261 -28.91 -34.70 -19.44
CA VAL A 261 -28.56 -34.89 -20.84
C VAL A 261 -27.85 -33.66 -21.38
N GLY A 262 -26.52 -33.67 -21.34
CA GLY A 262 -25.76 -32.61 -21.96
C GLY A 262 -25.71 -32.72 -23.46
N VAL A 263 -25.45 -31.58 -24.10
CA VAL A 263 -25.18 -31.52 -25.53
C VAL A 263 -23.99 -30.60 -25.72
N LEU A 264 -22.88 -31.15 -26.20
CA LEU A 264 -21.76 -30.33 -26.64
C LEU A 264 -22.20 -29.45 -27.80
N SER A 265 -22.08 -28.13 -27.64
CA SER A 265 -22.43 -27.18 -28.68
C SER A 265 -21.22 -26.30 -29.01
N ALA A 266 -21.26 -25.73 -30.21
CA ALA A 266 -20.26 -24.78 -30.70
C ALA A 266 -20.94 -23.45 -30.96
N GLY A 267 -20.65 -22.46 -30.12
CA GLY A 267 -21.28 -21.16 -30.20
C GLY A 267 -20.31 -20.11 -30.72
N ILE A 268 -20.77 -19.39 -31.74
CA ILE A 268 -19.95 -18.34 -32.35
C ILE A 268 -19.76 -17.21 -31.36
N ASN A 269 -18.51 -16.81 -31.17
CA ASN A 269 -18.23 -15.62 -30.37
C ASN A 269 -18.30 -14.38 -31.25
N ALA A 270 -18.47 -13.23 -30.61
CA ALA A 270 -18.73 -11.99 -31.33
C ALA A 270 -17.53 -11.54 -32.14
N ALA A 271 -17.81 -11.11 -33.37
CA ALA A 271 -16.81 -10.53 -34.26
C ALA A 271 -17.40 -9.30 -34.91
N SER A 272 -16.54 -8.38 -35.35
CA SER A 272 -17.05 -7.12 -35.88
C SER A 272 -17.82 -7.29 -37.18
N PRO A 273 -17.33 -8.09 -38.16
CA PRO A 273 -18.24 -8.51 -39.24
C PRO A 273 -18.90 -9.86 -38.94
N ASN A 274 -20.22 -9.93 -39.07
CA ASN A 274 -20.94 -11.19 -38.94
C ASN A 274 -22.03 -11.28 -40.00
N LYS A 275 -21.90 -12.26 -40.89
CA LYS A 275 -22.92 -12.50 -41.90
C LYS A 275 -24.11 -13.22 -41.28
N GLU A 276 -25.30 -12.94 -41.82
CA GLU A 276 -26.50 -13.63 -41.36
C GLU A 276 -26.64 -14.99 -42.04
N LEU A 277 -26.36 -15.06 -43.34
CA LEU A 277 -26.43 -16.32 -44.07
C LEU A 277 -25.39 -17.31 -43.57
N ALA A 278 -24.18 -16.84 -43.25
CA ALA A 278 -23.15 -17.75 -42.75
C ALA A 278 -23.60 -18.49 -41.49
N LYS A 279 -24.37 -17.82 -40.64
CA LYS A 279 -24.79 -18.42 -39.37
C LYS A 279 -25.65 -19.67 -39.58
N GLU A 280 -26.55 -19.64 -40.57
CA GLU A 280 -27.47 -20.75 -40.79
C GLU A 280 -27.13 -21.59 -42.02
N PHE A 281 -27.07 -20.97 -43.19
CA PHE A 281 -26.87 -21.70 -44.44
C PHE A 281 -25.49 -22.36 -44.48
N LEU A 282 -24.43 -21.61 -44.14
CA LEU A 282 -23.09 -22.19 -44.17
C LEU A 282 -22.91 -23.22 -43.07
N GLU A 283 -23.41 -22.95 -41.86
CA GLU A 283 -23.23 -23.88 -40.76
C GLU A 283 -23.98 -25.18 -40.97
N ASN A 284 -25.16 -25.13 -41.61
CA ASN A 284 -25.91 -26.36 -41.84
C ASN A 284 -25.10 -27.34 -42.70
N TYR A 285 -24.45 -26.83 -43.75
CA TYR A 285 -23.60 -27.69 -44.56
C TYR A 285 -22.43 -28.22 -43.74
N LEU A 286 -21.86 -27.37 -42.88
CA LEU A 286 -20.76 -27.80 -42.03
C LEU A 286 -21.20 -28.90 -41.07
N LEU A 287 -22.40 -28.78 -40.51
CA LEU A 287 -22.87 -29.76 -39.53
C LEU A 287 -22.95 -31.15 -40.13
N THR A 288 -23.38 -31.26 -41.38
CA THR A 288 -23.51 -32.56 -42.02
C THR A 288 -22.15 -33.26 -42.12
N ASP A 289 -21.11 -32.53 -42.50
CA ASP A 289 -19.78 -33.11 -42.66
C ASP A 289 -18.94 -33.07 -41.40
N GLU A 290 -18.95 -31.96 -40.66
CA GLU A 290 -18.10 -31.86 -39.47
C GLU A 290 -18.55 -32.85 -38.39
N GLY A 291 -19.87 -33.00 -38.22
CA GLY A 291 -20.38 -33.86 -37.16
C GLY A 291 -20.30 -35.34 -37.46
N LEU A 292 -20.67 -35.73 -38.69
CA LEU A 292 -20.64 -37.14 -39.06
C LEU A 292 -19.22 -37.70 -39.02
N GLU A 293 -18.25 -36.94 -39.55
CA GLU A 293 -16.87 -37.42 -39.59
C GLU A 293 -16.28 -37.57 -38.20
N ALA A 294 -16.55 -36.62 -37.29
CA ALA A 294 -15.98 -36.68 -35.96
C ALA A 294 -16.43 -37.94 -35.20
N VAL A 295 -17.71 -38.29 -35.32
CA VAL A 295 -18.21 -39.49 -34.66
C VAL A 295 -17.56 -40.74 -35.23
N ASN A 296 -17.43 -40.79 -36.55
CA ASN A 296 -16.89 -41.98 -37.21
C ASN A 296 -15.41 -42.17 -36.90
N LYS A 297 -14.64 -41.09 -36.82
CA LYS A 297 -13.19 -41.21 -36.72
C LYS A 297 -12.74 -41.66 -35.34
N ASP A 298 -13.03 -40.86 -34.31
CA ASP A 298 -12.44 -41.09 -33.00
C ASP A 298 -13.42 -41.68 -31.99
N LYS A 299 -14.54 -41.01 -31.72
CA LYS A 299 -15.39 -41.33 -30.58
C LYS A 299 -16.79 -41.67 -31.03
N PRO A 300 -17.31 -42.87 -30.72
CA PRO A 300 -18.71 -43.20 -31.04
C PRO A 300 -19.67 -42.61 -30.02
N LEU A 301 -20.39 -41.56 -30.41
CA LEU A 301 -21.39 -40.98 -29.54
C LEU A 301 -22.64 -41.84 -29.49
N GLY A 302 -22.98 -42.48 -30.61
CA GLY A 302 -24.00 -43.51 -30.65
C GLY A 302 -25.43 -43.01 -30.72
N ALA A 303 -25.70 -41.75 -30.39
CA ALA A 303 -27.05 -41.21 -30.36
C ALA A 303 -27.12 -40.03 -31.30
N VAL A 304 -27.39 -40.30 -32.57
CA VAL A 304 -27.48 -39.28 -33.60
C VAL A 304 -28.88 -39.30 -34.20
N ALA A 305 -29.28 -38.17 -34.75
CA ALA A 305 -30.64 -37.99 -35.25
C ALA A 305 -30.78 -38.32 -36.73
N LEU A 306 -29.71 -38.79 -37.37
CA LEU A 306 -29.77 -39.26 -38.75
C LEU A 306 -29.84 -40.78 -38.74
N LYS A 307 -30.89 -41.33 -39.33
CA LYS A 307 -31.18 -42.75 -39.17
C LYS A 307 -30.16 -43.62 -39.88
N SER A 308 -29.53 -43.12 -40.95
CA SER A 308 -28.58 -43.92 -41.70
C SER A 308 -27.39 -44.31 -40.86
N TYR A 309 -26.77 -43.34 -40.20
CA TYR A 309 -25.63 -43.62 -39.33
C TYR A 309 -26.06 -43.90 -37.90
N GLU A 310 -27.37 -43.94 -37.64
CA GLU A 310 -27.89 -44.46 -36.39
C GLU A 310 -28.03 -45.98 -36.43
N GLU A 311 -28.45 -46.51 -37.59
CA GLU A 311 -28.54 -47.96 -37.75
C GLU A 311 -27.19 -48.65 -37.53
N GLU A 312 -26.10 -47.97 -37.85
CA GLU A 312 -24.77 -48.53 -37.62
C GLU A 312 -24.31 -48.40 -36.19
N LEU A 313 -24.72 -47.34 -35.50
CA LEU A 313 -24.28 -47.09 -34.13
C LEU A 313 -25.12 -47.81 -33.09
N ALA A 314 -26.33 -48.23 -33.44
CA ALA A 314 -27.18 -49.00 -32.54
C ALA A 314 -26.79 -50.48 -32.45
N LYS A 315 -25.62 -50.86 -32.96
CA LYS A 315 -25.12 -52.22 -32.77
C LYS A 315 -24.25 -52.38 -31.53
N ASP A 316 -23.83 -51.27 -30.91
CA ASP A 316 -23.00 -51.33 -29.72
C ASP A 316 -23.88 -51.38 -28.49
N PRO A 317 -23.77 -52.41 -27.64
CA PRO A 317 -24.59 -52.46 -26.43
C PRO A 317 -24.21 -51.41 -25.39
N ARG A 318 -23.03 -50.80 -25.49
CA ARG A 318 -22.71 -49.67 -24.63
C ARG A 318 -23.56 -48.47 -25.01
N ILE A 319 -23.86 -48.33 -26.29
CA ILE A 319 -24.77 -47.28 -26.74
C ILE A 319 -26.18 -47.55 -26.24
N ALA A 320 -26.61 -48.81 -26.25
CA ALA A 320 -27.93 -49.11 -25.70
C ALA A 320 -27.95 -49.02 -24.18
N ALA A 321 -26.80 -49.03 -23.53
CA ALA A 321 -26.75 -48.76 -22.10
C ALA A 321 -26.89 -47.26 -21.85
N THR A 322 -26.17 -46.44 -22.63
CA THR A 322 -26.39 -45.01 -22.57
C THR A 322 -27.86 -44.66 -22.87
N MET A 323 -28.44 -45.34 -23.84
CA MET A 323 -29.87 -45.18 -24.15
C MET A 323 -30.76 -45.53 -22.96
N GLU A 324 -30.49 -46.67 -22.32
CA GLU A 324 -31.37 -47.12 -21.26
C GLU A 324 -31.16 -46.31 -19.97
N ASN A 325 -30.02 -45.64 -19.85
CA ASN A 325 -29.88 -44.52 -18.92
C ASN A 325 -30.80 -43.36 -19.31
N ALA A 326 -30.67 -42.89 -20.54
CA ALA A 326 -31.25 -41.62 -20.95
C ALA A 326 -32.77 -41.69 -21.10
N GLN A 327 -33.32 -42.90 -21.17
CA GLN A 327 -34.76 -43.06 -21.18
C GLN A 327 -35.32 -42.85 -19.77
N LYS A 328 -34.64 -43.40 -18.77
CA LYS A 328 -34.98 -43.29 -17.36
C LYS A 328 -34.62 -41.92 -16.75
N GLY A 329 -34.21 -40.90 -17.51
CA GLY A 329 -33.83 -39.63 -16.94
C GLY A 329 -34.76 -38.50 -17.32
N GLU A 330 -34.30 -37.27 -17.10
CA GLU A 330 -35.12 -36.08 -17.32
C GLU A 330 -34.31 -35.03 -18.06
N ILE A 331 -34.83 -34.60 -19.21
CA ILE A 331 -34.22 -33.54 -19.99
C ILE A 331 -34.12 -32.26 -19.16
N MET A 332 -33.02 -31.52 -19.35
CA MET A 332 -32.78 -30.31 -18.59
C MET A 332 -33.54 -29.13 -19.19
N PRO A 333 -34.22 -28.33 -18.36
CA PRO A 333 -34.83 -27.09 -18.86
C PRO A 333 -33.77 -26.11 -19.36
N ASN A 334 -34.10 -25.40 -20.44
CA ASN A 334 -33.19 -24.46 -21.08
C ASN A 334 -33.24 -23.07 -20.48
N ILE A 335 -34.12 -22.82 -19.51
CA ILE A 335 -34.26 -21.53 -18.84
C ILE A 335 -32.94 -21.09 -18.21
N PRO A 336 -32.70 -19.78 -18.08
CA PRO A 336 -31.41 -19.34 -17.50
C PRO A 336 -31.29 -19.59 -16.01
N GLN A 337 -32.40 -19.74 -15.28
CA GLN A 337 -32.29 -19.89 -13.83
C GLN A 337 -31.66 -21.22 -13.45
N MET A 338 -31.68 -22.21 -14.35
CA MET A 338 -30.97 -23.45 -14.09
C MET A 338 -29.48 -23.20 -13.94
N SER A 339 -28.94 -22.21 -14.65
CA SER A 339 -27.57 -21.79 -14.40
C SER A 339 -27.40 -21.38 -12.94
N ALA A 340 -28.30 -20.53 -12.44
CA ALA A 340 -28.26 -20.13 -11.03
C ALA A 340 -28.68 -21.25 -10.11
N PHE A 341 -29.13 -22.37 -10.67
CA PHE A 341 -29.31 -23.60 -9.91
C PHE A 341 -28.00 -24.38 -9.84
N TRP A 342 -27.25 -24.43 -10.94
CA TRP A 342 -26.01 -25.21 -10.95
C TRP A 342 -25.09 -24.78 -9.81
N TYR A 343 -24.82 -23.48 -9.71
CA TYR A 343 -23.89 -23.03 -8.69
C TYR A 343 -24.44 -23.27 -7.30
N ALA A 344 -25.76 -23.32 -7.14
CA ALA A 344 -26.33 -23.69 -5.86
C ALA A 344 -25.87 -25.10 -5.47
N VAL A 345 -26.03 -26.06 -6.38
CA VAL A 345 -25.84 -27.44 -5.98
C VAL A 345 -24.38 -27.72 -5.67
N ARG A 346 -23.47 -27.10 -6.41
CA ARG A 346 -22.06 -27.28 -6.10
C ARG A 346 -21.77 -26.84 -4.68
N THR A 347 -22.40 -25.75 -4.24
CA THR A 347 -22.14 -25.23 -2.90
C THR A 347 -22.85 -26.04 -1.83
N ALA A 348 -23.86 -26.83 -2.20
CA ALA A 348 -24.39 -27.81 -1.28
C ALA A 348 -23.38 -28.92 -1.03
N VAL A 349 -22.61 -29.31 -2.05
CA VAL A 349 -21.79 -30.52 -1.94
C VAL A 349 -20.38 -30.25 -1.41
N ILE A 350 -19.93 -28.99 -1.41
CA ILE A 350 -18.64 -28.66 -0.81
C ILE A 350 -18.77 -28.15 0.64
N ASN A 351 -19.95 -27.66 1.03
CA ASN A 351 -20.14 -27.19 2.39
C ASN A 351 -20.46 -28.33 3.36
N ALA A 352 -21.29 -29.29 2.93
CA ALA A 352 -21.56 -30.46 3.75
C ALA A 352 -20.33 -31.36 3.88
N ALA A 353 -19.48 -31.38 2.87
CA ALA A 353 -18.31 -32.25 2.87
C ALA A 353 -17.11 -31.67 3.60
N SER A 354 -17.03 -30.34 3.73
CA SER A 354 -15.92 -29.70 4.42
C SER A 354 -16.20 -29.47 5.90
N GLY A 355 -17.43 -29.70 6.37
CA GLY A 355 -17.77 -29.47 7.75
C GLY A 355 -18.19 -28.05 8.08
N ARG A 356 -18.17 -27.14 7.11
CA ARG A 356 -18.58 -25.77 7.37
C ARG A 356 -20.06 -25.69 7.73
N GLN A 357 -20.89 -26.51 7.08
CA GLN A 357 -22.32 -26.48 7.30
C GLN A 357 -22.84 -27.91 7.46
N THR A 358 -23.97 -28.02 8.15
CA THR A 358 -24.66 -29.29 8.33
C THR A 358 -25.57 -29.56 7.13
N VAL A 359 -26.18 -30.74 7.13
CA VAL A 359 -27.05 -31.13 6.02
C VAL A 359 -28.29 -30.26 5.98
N ASP A 360 -28.93 -30.04 7.14
CA ASP A 360 -30.12 -29.19 7.19
C ASP A 360 -29.78 -27.77 6.81
N GLU A 361 -28.65 -27.26 7.31
CA GLU A 361 -28.22 -25.90 6.97
C GLU A 361 -27.92 -25.78 5.48
N ALA A 362 -27.29 -26.80 4.90
CA ALA A 362 -26.99 -26.75 3.47
C ALA A 362 -28.26 -26.72 2.64
N LEU A 363 -29.25 -27.54 3.01
CA LEU A 363 -30.51 -27.54 2.27
C LEU A 363 -31.25 -26.21 2.44
N LYS A 364 -31.27 -25.67 3.66
CA LYS A 364 -31.91 -24.37 3.87
C LYS A 364 -31.19 -23.28 3.08
N ASP A 365 -29.86 -23.35 3.03
CA ASP A 365 -29.06 -22.41 2.27
C ASP A 365 -29.37 -22.52 0.77
N ALA A 366 -29.55 -23.75 0.27
CA ALA A 366 -29.89 -23.94 -1.14
C ALA A 366 -31.26 -23.35 -1.46
N GLN A 367 -32.24 -23.55 -0.57
CA GLN A 367 -33.56 -22.95 -0.79
C GLN A 367 -33.47 -21.43 -0.78
N THR A 368 -32.71 -20.87 0.14
CA THR A 368 -32.55 -19.40 0.20
C THR A 368 -31.84 -18.89 -1.05
N ASN A 369 -30.86 -19.64 -1.56
CA ASN A 369 -30.18 -19.26 -2.80
C ASN A 369 -31.13 -19.29 -3.98
N ALA A 370 -32.04 -20.27 -4.01
CA ALA A 370 -33.05 -20.27 -5.05
C ALA A 370 -33.93 -19.03 -4.95
N ALA A 371 -34.37 -18.70 -3.74
CA ALA A 371 -35.24 -17.54 -3.55
C ALA A 371 -34.49 -16.22 -3.67
N GLU A 372 -33.29 -16.10 -3.08
CA GLU A 372 -32.58 -14.84 -2.98
C GLU A 372 -31.30 -14.73 -3.81
N PHE A 373 -30.84 -15.80 -4.45
CA PHE A 373 -29.67 -15.78 -5.34
C PHE A 373 -28.33 -15.44 -4.67
N VAL B 1 -28.37 -14.98 -3.42
CA VAL B 1 -27.17 -14.39 -2.82
C VAL B 1 -26.75 -15.00 -1.48
N LYS B 2 -27.73 -15.24 -0.59
CA LYS B 2 -27.51 -15.41 0.85
C LYS B 2 -26.28 -16.26 1.19
N ILE B 3 -25.42 -15.73 2.07
CA ILE B 3 -24.21 -16.42 2.47
C ILE B 3 -24.40 -17.10 3.82
N GLY B 4 -24.54 -16.30 4.88
CA GLY B 4 -24.74 -16.89 6.20
C GLY B 4 -26.13 -16.86 6.78
N HIS B 5 -26.73 -15.67 6.91
CA HIS B 5 -28.04 -15.58 7.53
C HIS B 5 -28.93 -14.47 6.96
N TYR B 6 -28.61 -13.92 5.79
CA TYR B 6 -29.25 -12.68 5.35
C TYR B 6 -30.03 -12.89 4.07
N ILE B 7 -31.26 -12.41 4.07
CA ILE B 7 -32.13 -12.39 2.90
C ILE B 7 -32.19 -10.95 2.41
N LEU B 8 -31.79 -10.73 1.16
CA LEU B 8 -31.72 -9.39 0.60
C LEU B 8 -33.08 -8.71 0.54
N GLY B 9 -33.08 -7.39 0.72
CA GLY B 9 -34.28 -6.61 0.62
C GLY B 9 -34.36 -5.76 -0.63
N ASP B 10 -34.63 -4.46 -0.43
CA ASP B 10 -34.84 -3.53 -1.54
C ASP B 10 -33.52 -2.98 -2.05
N THR B 11 -33.44 -2.81 -3.38
CA THR B 11 -32.26 -2.26 -4.02
C THR B 11 -32.05 -0.81 -3.60
N LEU B 12 -30.87 -0.51 -3.06
CA LEU B 12 -30.56 0.85 -2.64
C LEU B 12 -30.21 1.76 -3.81
N GLY B 13 -29.21 1.37 -4.60
CA GLY B 13 -28.76 2.20 -5.70
C GLY B 13 -27.97 1.40 -6.71
N VAL B 14 -27.49 2.10 -7.74
CA VAL B 14 -26.75 1.46 -8.81
C VAL B 14 -25.26 1.35 -8.49
N GLY B 15 -24.73 2.20 -7.61
CA GLY B 15 -23.33 2.17 -7.22
C GLY B 15 -22.34 2.50 -8.32
N THR B 16 -21.05 2.44 -8.00
CA THR B 16 -20.01 2.66 -8.99
C THR B 16 -19.86 1.46 -9.93
N PHE B 17 -19.46 0.32 -9.37
CA PHE B 17 -19.22 -0.89 -10.17
C PHE B 17 -20.50 -1.72 -10.32
N GLY B 18 -21.08 -2.14 -9.19
CA GLY B 18 -22.33 -2.87 -9.19
C GLY B 18 -23.28 -2.30 -8.17
N LYS B 19 -24.51 -2.84 -8.18
CA LYS B 19 -25.56 -2.33 -7.30
C LYS B 19 -25.35 -2.78 -5.87
N VAL B 20 -26.11 -2.17 -4.96
CA VAL B 20 -26.04 -2.45 -3.54
C VAL B 20 -27.44 -2.74 -3.03
N LYS B 21 -27.56 -3.70 -2.11
CA LYS B 21 -28.85 -4.05 -1.53
C LYS B 21 -28.76 -4.06 -0.01
N VAL B 22 -29.88 -4.39 0.63
CA VAL B 22 -29.97 -4.47 2.09
C VAL B 22 -30.24 -5.91 2.50
N GLY B 23 -29.27 -6.51 3.20
CA GLY B 23 -29.51 -7.77 3.86
C GLY B 23 -30.51 -7.65 5.01
N LYS B 24 -31.07 -8.78 5.41
CA LYS B 24 -31.90 -8.84 6.60
C LYS B 24 -31.70 -10.20 7.26
N HIS B 25 -31.22 -10.17 8.51
CA HIS B 25 -30.98 -11.40 9.26
C HIS B 25 -32.27 -12.20 9.42
N GLU B 26 -32.17 -13.52 9.29
CA GLU B 26 -33.35 -14.39 9.24
C GLU B 26 -33.98 -14.63 10.61
N LEU B 27 -33.30 -14.30 11.70
CA LEU B 27 -33.82 -14.59 13.03
C LEU B 27 -33.99 -13.35 13.90
N THR B 28 -33.12 -12.35 13.76
CA THR B 28 -33.19 -11.13 14.56
C THR B 28 -33.58 -9.90 13.76
N GLY B 29 -33.34 -9.91 12.46
CA GLY B 29 -33.72 -8.79 11.64
C GLY B 29 -32.72 -7.66 11.65
N HIS B 30 -31.43 -7.97 11.61
CA HIS B 30 -30.41 -6.93 11.51
C HIS B 30 -30.26 -6.49 10.06
N LYS B 31 -30.01 -5.19 9.88
CA LYS B 31 -29.99 -4.57 8.55
C LYS B 31 -28.55 -4.20 8.20
N VAL B 32 -27.98 -4.91 7.25
CA VAL B 32 -26.65 -4.62 6.72
C VAL B 32 -26.80 -4.13 5.28
N ALA B 33 -25.81 -3.37 4.83
CA ALA B 33 -25.72 -2.93 3.45
C ALA B 33 -24.69 -3.82 2.74
N VAL B 34 -25.12 -4.49 1.67
CA VAL B 34 -24.27 -5.44 0.96
C VAL B 34 -23.95 -4.87 -0.42
N LYS B 35 -22.66 -4.69 -0.68
CA LYS B 35 -22.14 -4.21 -1.95
C LYS B 35 -21.88 -5.42 -2.84
N ILE B 36 -22.55 -5.45 -3.98
CA ILE B 36 -22.43 -6.54 -4.95
C ILE B 36 -21.56 -6.05 -6.10
N LEU B 37 -20.35 -6.58 -6.21
CA LEU B 37 -19.46 -6.30 -7.32
C LEU B 37 -19.56 -7.47 -8.28
N ASN B 38 -20.20 -7.26 -9.43
CA ASN B 38 -20.38 -8.36 -10.36
C ASN B 38 -19.03 -8.80 -10.91
N ARG B 39 -18.78 -10.11 -10.84
CA ARG B 39 -17.48 -10.66 -11.25
C ARG B 39 -17.17 -10.36 -12.72
N GLN B 40 -18.09 -10.73 -13.61
CA GLN B 40 -17.90 -10.50 -15.04
C GLN B 40 -17.54 -9.04 -15.33
N LYS B 41 -18.26 -8.11 -14.71
CA LYS B 41 -18.15 -6.71 -15.10
C LYS B 41 -16.82 -6.09 -14.65
N ILE B 42 -16.25 -6.60 -13.56
CA ILE B 42 -14.96 -6.09 -13.13
C ILE B 42 -13.81 -6.85 -13.77
N ARG B 43 -14.01 -8.10 -14.15
CA ARG B 43 -12.96 -8.81 -14.88
C ARG B 43 -12.86 -8.34 -16.33
N SER B 44 -13.94 -7.76 -16.87
CA SER B 44 -13.84 -7.11 -18.18
C SER B 44 -12.79 -6.01 -18.17
N LEU B 45 -12.96 -5.03 -17.29
CA LEU B 45 -11.95 -3.98 -17.13
C LEU B 45 -10.69 -4.55 -16.44
N ASP B 46 -9.67 -3.70 -16.36
CA ASP B 46 -8.40 -4.04 -15.71
C ASP B 46 -8.38 -3.65 -14.23
N VAL B 47 -9.53 -3.33 -13.65
CA VAL B 47 -9.64 -2.73 -12.32
C VAL B 47 -9.43 -3.74 -11.20
N VAL B 48 -9.02 -4.96 -11.54
CA VAL B 48 -8.93 -6.04 -10.56
C VAL B 48 -7.90 -5.78 -9.46
N GLY B 49 -6.96 -4.86 -9.67
CA GLY B 49 -6.09 -4.48 -8.58
C GLY B 49 -6.64 -3.30 -7.80
N LYS B 50 -7.42 -2.47 -8.47
CA LYS B 50 -7.99 -1.28 -7.85
C LYS B 50 -9.01 -1.66 -6.78
N ILE B 51 -9.68 -2.80 -6.98
CA ILE B 51 -10.54 -3.34 -5.94
C ILE B 51 -9.70 -3.93 -4.82
N ARG B 52 -8.60 -4.58 -5.18
CA ARG B 52 -7.73 -5.19 -4.17
C ARG B 52 -7.24 -4.14 -3.18
N ARG B 53 -6.83 -2.98 -3.68
CA ARG B 53 -6.30 -1.92 -2.82
C ARG B 53 -7.40 -1.22 -2.04
N GLU B 54 -8.66 -1.56 -2.29
CA GLU B 54 -9.73 -1.22 -1.38
C GLU B 54 -9.91 -2.31 -0.34
N ILE B 55 -9.87 -3.57 -0.77
CA ILE B 55 -10.15 -4.70 0.12
C ILE B 55 -9.08 -4.80 1.21
N GLN B 56 -7.83 -4.67 0.81
CA GLN B 56 -6.74 -4.53 1.77
C GLN B 56 -7.03 -3.45 2.80
N ASN B 57 -7.43 -2.26 2.33
CA ASN B 57 -7.56 -1.13 3.24
C ASN B 57 -8.74 -1.30 4.21
N LEU B 58 -9.94 -1.54 3.68
CA LEU B 58 -11.14 -1.54 4.50
C LEU B 58 -11.19 -2.67 5.52
N LYS B 59 -10.28 -3.65 5.44
CA LYS B 59 -10.19 -4.67 6.48
C LYS B 59 -9.69 -4.09 7.80
N LEU B 60 -8.86 -3.04 7.74
CA LEU B 60 -8.23 -2.48 8.94
C LEU B 60 -9.05 -1.38 9.60
N PHE B 61 -9.86 -0.66 8.83
CA PHE B 61 -10.43 0.60 9.31
C PHE B 61 -11.55 0.38 10.32
N ARG B 62 -11.47 1.10 11.44
CA ARG B 62 -12.53 1.10 12.45
C ARG B 62 -12.69 2.54 12.93
N HIS B 63 -13.84 3.15 12.62
CA HIS B 63 -14.11 4.51 13.02
C HIS B 63 -15.62 4.65 13.19
N PRO B 64 -16.08 5.41 14.20
CA PRO B 64 -17.53 5.51 14.43
C PRO B 64 -18.29 6.32 13.40
N HIS B 65 -17.62 7.20 12.64
CA HIS B 65 -18.28 7.97 11.59
C HIS B 65 -17.89 7.51 10.20
N ILE B 66 -17.09 6.45 10.09
CA ILE B 66 -16.76 5.82 8.82
C ILE B 66 -17.51 4.49 8.75
N ILE B 67 -18.00 4.16 7.55
CA ILE B 67 -18.74 2.91 7.38
C ILE B 67 -17.77 1.75 7.41
N LYS B 68 -17.98 0.83 8.34
CA LYS B 68 -17.00 -0.19 8.65
C LYS B 68 -17.26 -1.43 7.82
N LEU B 69 -16.26 -1.80 7.01
CA LEU B 69 -16.25 -3.10 6.35
C LEU B 69 -16.13 -4.20 7.38
N TYR B 70 -17.10 -5.10 7.32
CA TYR B 70 -17.23 -6.25 8.19
C TYR B 70 -16.39 -7.40 7.62
N GLN B 71 -16.74 -7.87 6.43
CA GLN B 71 -16.01 -8.92 5.75
C GLN B 71 -16.35 -8.86 4.28
N VAL B 72 -15.40 -9.33 3.49
CA VAL B 72 -15.48 -9.44 2.05
C VAL B 72 -15.49 -10.94 1.76
N ILE B 73 -16.51 -11.39 1.03
CA ILE B 73 -16.65 -12.78 0.69
C ILE B 73 -16.66 -12.90 -0.84
N SER B 74 -15.72 -13.68 -1.36
CA SER B 74 -15.53 -13.89 -2.79
C SER B 74 -16.05 -15.25 -3.21
N THR B 75 -16.77 -15.29 -4.33
CA THR B 75 -17.39 -16.48 -4.91
C THR B 75 -17.53 -16.26 -6.40
N PRO B 76 -17.41 -17.31 -7.22
CA PRO B 76 -17.39 -17.13 -8.68
C PRO B 76 -18.58 -16.38 -9.29
N SER B 77 -19.70 -16.27 -8.58
CA SER B 77 -20.80 -15.44 -9.09
C SER B 77 -20.44 -13.96 -9.04
N ASP B 78 -20.15 -13.45 -7.85
CA ASP B 78 -19.87 -12.04 -7.66
C ASP B 78 -19.17 -11.86 -6.32
N ILE B 79 -18.68 -10.66 -6.08
CA ILE B 79 -17.99 -10.30 -4.84
C ILE B 79 -18.99 -9.61 -3.92
N PHE B 80 -18.90 -9.90 -2.62
CA PHE B 80 -19.82 -9.33 -1.64
C PHE B 80 -19.04 -8.63 -0.54
N MET B 81 -19.41 -7.40 -0.25
CA MET B 81 -18.84 -6.64 0.86
C MET B 81 -19.96 -6.29 1.82
N VAL B 82 -19.85 -6.68 3.08
CA VAL B 82 -20.91 -6.39 4.03
C VAL B 82 -20.49 -5.23 4.93
N MET B 83 -21.39 -4.27 5.10
CA MET B 83 -21.13 -3.06 5.85
C MET B 83 -22.35 -2.75 6.69
N GLU B 84 -22.18 -1.85 7.65
CA GLU B 84 -23.31 -1.38 8.44
C GLU B 84 -24.28 -0.58 7.57
N TYR B 85 -25.58 -0.77 7.81
CA TYR B 85 -26.61 -0.05 7.07
C TYR B 85 -27.32 0.93 8.00
N VAL B 86 -27.45 2.17 7.55
CA VAL B 86 -28.07 3.24 8.32
C VAL B 86 -29.38 3.65 7.67
N SER B 87 -30.33 4.10 8.49
CA SER B 87 -31.69 4.34 8.06
C SER B 87 -31.91 5.71 7.44
N GLY B 88 -31.07 6.71 7.76
CA GLY B 88 -31.36 8.07 7.37
C GLY B 88 -31.12 8.39 5.90
N GLY B 89 -30.40 7.54 5.18
CA GLY B 89 -30.18 7.76 3.77
C GLY B 89 -29.05 8.74 3.49
N GLU B 90 -29.00 9.17 2.24
CA GLU B 90 -27.89 10.01 1.79
C GLU B 90 -28.08 11.46 2.26
N LEU B 91 -26.97 12.21 2.22
CA LEU B 91 -26.98 13.58 2.69
C LEU B 91 -27.77 14.48 1.76
N PHE B 92 -27.65 14.28 0.45
CA PHE B 92 -28.27 15.19 -0.51
C PHE B 92 -29.79 15.16 -0.42
N ASP B 93 -30.37 14.08 0.11
CA ASP B 93 -31.81 14.07 0.32
C ASP B 93 -32.21 14.82 1.58
N TYR B 94 -31.32 14.95 2.57
CA TYR B 94 -31.58 15.85 3.68
C TYR B 94 -31.29 17.31 3.33
N ILE B 95 -30.37 17.55 2.40
CA ILE B 95 -30.08 18.89 1.93
C ILE B 95 -31.27 19.41 1.16
N CYS B 96 -31.69 18.64 0.17
CA CYS B 96 -32.96 18.77 -0.52
C CYS B 96 -34.13 18.94 0.45
N LYS B 97 -34.37 17.98 1.33
CA LYS B 97 -35.59 17.98 2.14
C LYS B 97 -35.63 19.12 3.14
N ASN B 98 -34.49 19.51 3.69
CA ASN B 98 -34.41 20.55 4.71
C ASN B 98 -33.96 21.90 4.16
N GLY B 99 -33.56 21.97 2.89
CA GLY B 99 -33.17 23.25 2.33
C GLY B 99 -31.81 23.66 2.85
N ARG B 100 -31.71 24.86 3.39
CA ARG B 100 -30.46 25.29 4.00
C ARG B 100 -30.51 25.09 5.52
N LEU B 101 -29.36 24.76 6.09
CA LEU B 101 -29.21 24.39 7.48
C LEU B 101 -28.62 25.53 8.30
N ASP B 102 -28.88 25.50 9.59
CA ASP B 102 -28.34 26.49 10.51
C ASP B 102 -26.87 26.16 10.81
N GLU B 103 -26.27 26.90 11.74
CA GLU B 103 -24.85 26.72 12.02
C GLU B 103 -24.59 25.52 12.93
N LYS B 104 -25.45 25.28 13.91
CA LYS B 104 -25.19 24.20 14.86
C LYS B 104 -25.10 22.85 14.15
N GLU B 105 -26.04 22.59 13.23
CA GLU B 105 -26.10 21.34 12.50
C GLU B 105 -24.94 21.22 11.50
N SER B 106 -24.87 22.15 10.56
CA SER B 106 -23.81 22.14 9.55
C SER B 106 -22.45 22.02 10.20
N ARG B 107 -22.18 22.83 11.23
CA ARG B 107 -21.01 22.72 12.08
C ARG B 107 -20.77 21.30 12.59
N ARG B 108 -21.72 20.76 13.37
CA ARG B 108 -21.57 19.43 13.94
C ARG B 108 -21.21 18.40 12.87
N LEU B 109 -22.01 18.35 11.81
CA LEU B 109 -21.78 17.44 10.71
C LEU B 109 -20.39 17.62 10.11
N PHE B 110 -20.03 18.86 9.77
CA PHE B 110 -18.75 19.13 9.15
C PHE B 110 -17.61 18.66 10.04
N GLN B 111 -17.76 18.84 11.36
CA GLN B 111 -16.77 18.33 12.29
C GLN B 111 -16.66 16.80 12.18
N GLN B 112 -17.80 16.11 12.22
CA GLN B 112 -17.79 14.66 12.14
C GLN B 112 -17.12 14.19 10.85
N ILE B 113 -17.43 14.86 9.74
CA ILE B 113 -16.89 14.53 8.43
C ILE B 113 -15.38 14.74 8.41
N LEU B 114 -14.94 15.98 8.64
CA LEU B 114 -13.54 16.33 8.73
C LEU B 114 -12.78 15.35 9.61
N SER B 115 -13.37 14.92 10.73
CA SER B 115 -12.71 13.96 11.60
C SER B 115 -12.55 12.61 10.91
N GLY B 116 -13.60 12.15 10.23
CA GLY B 116 -13.47 11.00 9.36
C GLY B 116 -12.30 11.12 8.39
N VAL B 117 -12.23 12.25 7.66
CA VAL B 117 -11.32 12.32 6.53
C VAL B 117 -9.90 12.55 6.97
N ASP B 118 -9.72 13.17 8.14
CA ASP B 118 -8.46 13.09 8.88
C ASP B 118 -8.09 11.64 9.16
N TYR B 119 -8.96 10.93 9.89
CA TYR B 119 -8.68 9.54 10.25
C TYR B 119 -8.26 8.72 9.03
N CYS B 120 -8.87 9.00 7.87
CA CYS B 120 -8.47 8.34 6.64
C CYS B 120 -7.08 8.79 6.19
N HIS B 121 -6.88 10.11 6.08
CA HIS B 121 -5.60 10.63 5.63
C HIS B 121 -4.43 10.09 6.45
N ARG B 122 -4.61 9.96 7.76
CA ARG B 122 -3.52 9.53 8.62
C ARG B 122 -3.11 8.09 8.32
N HIS B 123 -4.08 7.24 7.99
CA HIS B 123 -3.79 5.85 7.67
C HIS B 123 -3.39 5.67 6.21
N MET B 124 -3.08 6.77 5.51
CA MET B 124 -2.52 6.75 4.15
C MET B 124 -3.51 6.20 3.12
N VAL B 125 -4.73 6.73 3.13
CA VAL B 125 -5.69 6.53 2.06
C VAL B 125 -6.36 7.86 1.75
N VAL B 126 -6.68 8.07 0.46
CA VAL B 126 -7.43 9.23 0.01
C VAL B 126 -8.52 8.75 -0.94
N HIS B 127 -9.77 9.07 -0.60
CA HIS B 127 -10.92 8.78 -1.45
C HIS B 127 -11.25 10.05 -2.22
N ARG B 128 -11.17 9.97 -3.55
CA ARG B 128 -11.22 11.16 -4.37
C ARG B 128 -12.59 11.82 -4.33
N ASP B 129 -13.65 11.04 -4.55
CA ASP B 129 -14.98 11.60 -4.79
C ASP B 129 -15.67 11.90 -3.47
N LEU B 130 -15.82 13.18 -3.16
CA LEU B 130 -16.61 13.63 -2.02
C LEU B 130 -17.83 14.38 -2.51
N LYS B 131 -19.01 13.96 -2.05
CA LYS B 131 -20.27 14.58 -2.40
C LYS B 131 -21.32 14.14 -1.41
N PRO B 132 -22.39 14.93 -1.21
CA PRO B 132 -23.46 14.48 -0.31
C PRO B 132 -24.07 13.15 -0.70
N GLU B 133 -24.10 12.82 -2.00
CA GLU B 133 -24.70 11.57 -2.46
C GLU B 133 -23.86 10.34 -2.14
N ASN B 134 -22.60 10.52 -1.71
CA ASN B 134 -21.76 9.41 -1.28
C ASN B 134 -21.72 9.25 0.24
N VAL B 135 -22.26 10.19 0.99
CA VAL B 135 -22.21 10.15 2.45
C VAL B 135 -23.63 10.01 2.99
N LEU B 136 -23.79 9.14 4.00
CA LEU B 136 -25.08 8.76 4.55
C LEU B 136 -25.28 9.40 5.93
N LEU B 137 -26.47 9.16 6.48
CA LEU B 137 -26.83 9.57 7.84
C LEU B 137 -27.49 8.39 8.55
N ASP B 138 -27.29 8.32 9.87
CA ASP B 138 -27.83 7.24 10.69
C ASP B 138 -29.14 7.68 11.33
N ALA B 139 -29.66 6.85 12.25
CA ALA B 139 -30.87 7.21 12.97
C ALA B 139 -30.65 8.40 13.91
N HIS B 140 -29.43 8.55 14.43
CA HIS B 140 -29.07 9.69 15.25
C HIS B 140 -28.66 10.91 14.43
N MET B 141 -28.76 10.82 13.08
CA MET B 141 -28.51 11.93 12.16
C MET B 141 -27.06 12.42 12.21
N ASN B 142 -26.13 11.51 12.47
CA ASN B 142 -24.71 11.82 12.46
C ASN B 142 -24.21 11.80 11.02
N ALA B 143 -22.90 11.83 10.83
CA ALA B 143 -22.27 11.80 9.52
C ALA B 143 -21.62 10.44 9.30
N LYS B 144 -22.03 9.77 8.23
CA LYS B 144 -21.47 8.49 7.81
C LYS B 144 -20.96 8.63 6.38
N ILE B 145 -19.74 8.17 6.13
CA ILE B 145 -19.11 8.24 4.82
C ILE B 145 -19.09 6.84 4.23
N ALA B 146 -19.88 6.62 3.19
CA ALA B 146 -20.13 5.28 2.66
C ALA B 146 -19.23 4.91 1.48
N ASP B 147 -19.34 5.63 0.36
CA ASP B 147 -18.79 5.15 -0.90
C ASP B 147 -17.26 5.29 -0.90
N PHE B 148 -16.57 4.15 -0.99
CA PHE B 148 -15.12 4.10 -1.04
C PHE B 148 -14.61 3.39 -2.29
N GLY B 149 -15.47 3.24 -3.31
CA GLY B 149 -15.04 2.63 -4.55
C GLY B 149 -13.93 3.42 -5.24
N LEU B 150 -14.04 4.75 -5.22
CA LEU B 150 -13.10 5.63 -5.93
C LEU B 150 -11.91 6.04 -5.07
N SER B 151 -11.50 5.19 -4.13
CA SER B 151 -10.39 5.50 -3.27
C SER B 151 -9.07 4.99 -3.86
N ASN B 152 -7.98 5.28 -3.16
CA ASN B 152 -6.65 4.90 -3.61
C ASN B 152 -5.77 4.73 -2.38
N MET B 153 -4.57 4.19 -2.59
CA MET B 153 -3.59 4.01 -1.53
C MET B 153 -2.48 5.04 -1.66
N MET B 154 -2.11 5.65 -0.53
CA MET B 154 -1.07 6.67 -0.51
C MET B 154 0.29 6.01 -0.31
N SER B 155 1.17 6.17 -1.28
CA SER B 155 2.51 5.63 -1.21
C SER B 155 3.50 6.72 -0.84
N ASP B 156 4.65 6.30 -0.31
CA ASP B 156 5.65 7.24 0.19
C ASP B 156 6.37 7.90 -0.98
N GLY B 157 6.32 9.23 -1.04
CA GLY B 157 6.91 9.97 -2.15
C GLY B 157 6.33 9.62 -3.50
N GLU B 158 5.00 9.49 -3.59
CA GLU B 158 4.33 9.16 -4.84
C GLU B 158 3.10 10.05 -4.99
N PHE B 159 3.05 10.80 -6.10
CA PHE B 159 1.91 11.63 -6.42
C PHE B 159 0.84 10.80 -7.13
N LEU B 160 -0.23 11.46 -7.56
CA LEU B 160 -1.37 10.79 -8.19
C LEU B 160 -1.62 11.38 -9.57
N ARG B 161 -1.83 10.50 -10.55
CA ARG B 161 -2.06 10.90 -11.93
C ARG B 161 -3.54 10.85 -12.28
N TPO B 162 -4.25 9.94 -11.64
CA TPO B 162 -5.66 9.68 -11.95
CB TPO B 162 -6.04 8.29 -11.50
CG2 TPO B 162 -7.27 7.83 -12.27
OG1 TPO B 162 -4.96 7.38 -11.73
P TPO B 162 -4.78 6.53 -10.38
O1P TPO B 162 -5.82 5.49 -10.30
O2P TPO B 162 -4.92 7.50 -9.11
O3P TPO B 162 -3.33 5.84 -10.39
C TPO B 162 -6.59 10.72 -11.34
O TPO B 162 -6.69 10.85 -10.12
N SER B 163 -7.31 11.43 -12.20
CA SER B 163 -8.28 12.44 -11.77
C SER B 163 -9.69 12.04 -12.21
N CYS B 164 -10.56 11.82 -11.23
CA CYS B 164 -11.94 11.39 -11.48
C CYS B 164 -12.85 12.17 -10.53
N GLY B 165 -14.08 11.70 -10.38
CA GLY B 165 -15.02 12.30 -9.46
C GLY B 165 -15.98 13.25 -10.15
N SER B 166 -16.87 13.80 -9.32
CA SER B 166 -17.91 14.70 -9.79
C SER B 166 -17.29 15.86 -10.57
N PRO B 167 -17.99 16.38 -11.58
CA PRO B 167 -17.45 17.53 -12.32
C PRO B 167 -17.50 18.83 -11.55
N ASN B 168 -18.51 19.03 -10.70
CA ASN B 168 -18.57 20.23 -9.87
C ASN B 168 -17.53 20.19 -8.76
N TYR B 169 -17.34 19.02 -8.15
CA TYR B 169 -16.55 18.88 -6.94
C TYR B 169 -15.09 18.50 -7.20
N ALA B 170 -14.68 18.38 -8.46
CA ALA B 170 -13.28 18.10 -8.76
C ALA B 170 -12.42 19.33 -8.56
N ALA B 171 -11.21 19.13 -8.02
CA ALA B 171 -10.35 20.23 -7.67
C ALA B 171 -9.90 21.02 -8.89
N PRO B 172 -9.53 22.29 -8.68
CA PRO B 172 -9.01 23.10 -9.81
C PRO B 172 -7.76 22.51 -10.45
N GLU B 173 -6.90 21.84 -9.69
CA GLU B 173 -5.67 21.32 -10.26
C GLU B 173 -5.91 20.04 -11.06
N VAL B 174 -6.83 19.18 -10.61
CA VAL B 174 -6.97 17.87 -11.22
C VAL B 174 -7.71 17.93 -12.54
N ILE B 175 -8.52 18.97 -12.77
CA ILE B 175 -9.25 19.07 -14.03
C ILE B 175 -8.35 19.44 -15.20
N SER B 176 -7.17 20.00 -14.95
CA SER B 176 -6.21 20.29 -16.00
C SER B 176 -5.13 19.21 -16.11
N GLY B 177 -5.38 18.02 -15.57
CA GLY B 177 -4.46 16.90 -15.74
C GLY B 177 -3.13 17.07 -15.04
N ARG B 178 -3.14 17.60 -13.81
CA ARG B 178 -1.92 17.89 -13.07
C ARG B 178 -1.71 16.86 -11.98
N LEU B 179 -0.45 16.53 -11.71
CA LEU B 179 -0.12 15.69 -10.57
C LEU B 179 -0.48 16.42 -9.28
N TYR B 180 -0.90 15.66 -8.27
CA TYR B 180 -1.49 16.27 -7.09
C TYR B 180 -1.34 15.33 -5.88
N ALA B 181 -1.31 15.93 -4.69
CA ALA B 181 -1.33 15.20 -3.43
C ALA B 181 -2.77 14.98 -2.97
N GLY B 182 -2.98 13.89 -2.23
CA GLY B 182 -4.30 13.50 -1.79
C GLY B 182 -5.01 14.41 -0.83
N PRO B 183 -4.35 14.96 0.19
CA PRO B 183 -5.07 15.76 1.21
C PRO B 183 -5.75 17.02 0.71
N GLU B 184 -5.15 17.82 -0.18
CA GLU B 184 -5.77 19.11 -0.51
C GLU B 184 -6.99 18.98 -1.41
N VAL B 185 -7.09 17.94 -2.25
CA VAL B 185 -8.29 17.81 -3.04
C VAL B 185 -9.45 17.36 -2.15
N ASP B 186 -9.16 16.53 -1.15
CA ASP B 186 -10.17 16.20 -0.15
C ASP B 186 -10.59 17.44 0.63
N ILE B 187 -9.63 18.24 1.06
CA ILE B 187 -9.94 19.45 1.82
C ILE B 187 -10.79 20.41 1.01
N TRP B 188 -10.52 20.50 -0.29
CA TRP B 188 -11.30 21.40 -1.14
C TRP B 188 -12.71 20.86 -1.38
N SER B 189 -12.85 19.53 -1.49
CA SER B 189 -14.19 18.98 -1.63
C SER B 189 -14.96 19.06 -0.32
N SER B 190 -14.24 18.97 0.80
CA SER B 190 -14.82 19.28 2.11
C SER B 190 -15.36 20.70 2.15
N GLY B 191 -14.57 21.67 1.65
CA GLY B 191 -14.99 23.04 1.74
C GLY B 191 -16.16 23.36 0.84
N VAL B 192 -16.26 22.70 -0.31
CA VAL B 192 -17.46 22.92 -1.11
C VAL B 192 -18.67 22.20 -0.50
N ILE B 193 -18.46 21.05 0.15
CA ILE B 193 -19.55 20.42 0.88
C ILE B 193 -20.05 21.34 2.00
N LEU B 194 -19.11 21.86 2.81
CA LEU B 194 -19.44 22.80 3.87
C LEU B 194 -20.19 24.01 3.33
N TYR B 195 -19.80 24.52 2.17
CA TYR B 195 -20.58 25.57 1.53
C TYR B 195 -22.00 25.10 1.27
N ALA B 196 -22.14 23.91 0.65
CA ALA B 196 -23.47 23.39 0.37
C ALA B 196 -24.30 23.24 1.64
N LEU B 197 -23.66 22.88 2.75
CA LEU B 197 -24.36 22.67 4.02
C LEU B 197 -24.84 23.96 4.66
N LEU B 198 -24.53 25.12 4.09
CA LEU B 198 -24.89 26.41 4.67
C LEU B 198 -25.85 27.18 3.80
N CYS B 199 -25.52 27.37 2.52
CA CYS B 199 -26.37 28.12 1.60
C CYS B 199 -27.42 27.24 0.92
N GLY B 200 -27.13 25.95 0.77
CA GLY B 200 -28.00 25.03 0.06
C GLY B 200 -27.60 24.82 -1.38
N THR B 201 -26.95 25.80 -1.99
CA THR B 201 -26.60 25.77 -3.40
C THR B 201 -25.12 25.47 -3.58
N LEU B 202 -24.80 24.91 -4.76
CA LEU B 202 -23.42 24.63 -5.09
C LEU B 202 -22.66 25.94 -5.33
N PRO B 203 -21.39 25.98 -5.00
CA PRO B 203 -20.60 27.21 -5.18
C PRO B 203 -20.20 27.47 -6.62
N PHE B 204 -19.87 26.41 -7.36
CA PHE B 204 -19.42 26.49 -8.75
C PHE B 204 -20.36 25.65 -9.60
N ASP B 205 -21.38 26.31 -10.19
CA ASP B 205 -22.41 25.63 -10.95
C ASP B 205 -22.63 26.30 -12.30
N ASP B 206 -22.80 25.47 -13.33
CA ASP B 206 -23.08 25.89 -14.70
C ASP B 206 -23.38 24.64 -15.51
N ASP B 207 -24.20 24.81 -16.54
CA ASP B 207 -24.52 23.69 -17.41
C ASP B 207 -23.40 23.41 -18.40
N HIS B 208 -22.91 24.48 -19.05
CA HIS B 208 -21.84 24.36 -20.04
C HIS B 208 -20.55 23.94 -19.35
N VAL B 209 -19.96 22.83 -19.80
CA VAL B 209 -18.83 22.23 -19.09
C VAL B 209 -17.53 23.03 -19.20
N PRO B 210 -17.14 23.60 -20.35
CA PRO B 210 -15.91 24.42 -20.34
C PRO B 210 -16.02 25.64 -19.44
N THR B 211 -17.18 26.31 -19.41
CA THR B 211 -17.36 27.46 -18.53
C THR B 211 -17.21 27.07 -17.07
N LEU B 212 -17.67 25.87 -16.71
CA LEU B 212 -17.59 25.39 -15.34
C LEU B 212 -16.14 25.25 -14.88
N PHE B 213 -15.26 24.72 -15.74
CA PHE B 213 -13.84 24.64 -15.38
C PHE B 213 -13.25 26.01 -15.18
N LYS B 214 -13.62 26.97 -16.03
CA LYS B 214 -13.13 28.34 -15.88
C LYS B 214 -13.60 28.96 -14.58
N LYS B 215 -14.85 28.69 -14.20
CA LYS B 215 -15.38 29.24 -12.95
C LYS B 215 -14.73 28.59 -11.73
N ILE B 216 -14.37 27.31 -11.84
CA ILE B 216 -13.65 26.65 -10.75
C ILE B 216 -12.24 27.22 -10.62
N CYS B 217 -11.52 27.30 -11.74
CA CYS B 217 -10.16 27.82 -11.74
C CYS B 217 -10.09 29.27 -11.25
N ASP B 218 -11.20 30.00 -11.28
CA ASP B 218 -11.23 31.36 -10.74
C ASP B 218 -11.71 31.33 -9.30
N GLY B 219 -11.08 32.16 -8.48
CA GLY B 219 -11.28 32.13 -7.04
C GLY B 219 -12.51 32.84 -6.52
N ILE B 220 -13.28 33.47 -7.39
CA ILE B 220 -14.42 34.25 -6.94
C ILE B 220 -15.61 33.31 -6.71
N PHE B 221 -16.41 33.62 -5.70
CA PHE B 221 -17.60 32.85 -5.39
C PHE B 221 -18.51 33.70 -4.53
N TYR B 222 -19.78 33.29 -4.47
CA TYR B 222 -20.80 34.08 -3.78
C TYR B 222 -20.60 34.05 -2.28
N THR B 223 -20.76 35.21 -1.65
CA THR B 223 -20.57 35.36 -0.21
C THR B 223 -21.78 36.07 0.39
N PRO B 224 -22.74 35.33 0.92
CA PRO B 224 -23.99 35.95 1.40
C PRO B 224 -23.83 36.71 2.71
N GLN B 225 -24.95 37.26 3.17
CA GLN B 225 -25.08 37.82 4.51
C GLN B 225 -25.72 36.82 5.46
N TYR B 226 -25.83 35.56 5.04
CA TYR B 226 -26.48 34.52 5.83
C TYR B 226 -25.65 34.12 7.05
N LEU B 227 -24.32 34.28 6.99
CA LEU B 227 -23.45 33.74 8.02
C LEU B 227 -22.35 34.74 8.36
N ASN B 228 -21.67 34.48 9.50
CA ASN B 228 -20.67 35.38 10.03
C ASN B 228 -19.39 35.40 9.19
N PRO B 229 -18.63 36.49 9.23
CA PRO B 229 -17.41 36.56 8.41
C PRO B 229 -16.36 35.51 8.74
N SER B 230 -16.34 34.98 9.97
CA SER B 230 -15.33 33.97 10.31
C SER B 230 -15.38 32.80 9.34
N VAL B 231 -16.60 32.36 8.99
CA VAL B 231 -16.72 31.26 8.04
C VAL B 231 -16.33 31.71 6.65
N ILE B 232 -16.57 32.97 6.32
CA ILE B 232 -16.20 33.50 5.01
C ILE B 232 -14.69 33.44 4.82
N SER B 233 -13.95 34.00 5.78
CA SER B 233 -12.51 33.80 5.88
C SER B 233 -12.13 32.33 5.74
N LEU B 234 -12.71 31.48 6.59
CA LEU B 234 -12.32 30.08 6.63
C LEU B 234 -12.51 29.39 5.28
N LEU B 235 -13.54 29.77 4.54
CA LEU B 235 -13.77 29.20 3.22
C LEU B 235 -12.80 29.76 2.19
N LYS B 236 -12.61 31.09 2.19
CA LYS B 236 -11.67 31.70 1.26
C LYS B 236 -10.28 31.10 1.39
N HIS B 237 -9.86 30.85 2.63
CA HIS B 237 -8.55 30.25 2.87
C HIS B 237 -8.57 28.74 2.67
N MET B 238 -9.74 28.12 2.81
CA MET B 238 -9.89 26.68 2.59
C MET B 238 -10.08 26.37 1.11
N LEU B 239 -10.84 27.20 0.39
CA LEU B 239 -11.11 27.01 -1.02
C LEU B 239 -10.21 27.85 -1.91
N GLN B 240 -8.98 28.09 -1.48
CA GLN B 240 -8.02 28.79 -2.31
C GLN B 240 -7.64 27.93 -3.51
N VAL B 241 -7.55 28.57 -4.69
CA VAL B 241 -7.18 27.83 -5.89
C VAL B 241 -5.71 27.43 -5.86
N ASP B 242 -4.90 28.18 -5.14
CA ASP B 242 -3.50 27.83 -4.96
C ASP B 242 -3.37 26.73 -3.92
N PRO B 243 -2.85 25.55 -4.26
CA PRO B 243 -2.66 24.50 -3.25
C PRO B 243 -1.60 24.85 -2.23
N MET B 244 -0.67 25.75 -2.55
CA MET B 244 0.29 26.22 -1.56
C MET B 244 -0.35 27.07 -0.49
N LYS B 245 -1.41 27.80 -0.83
CA LYS B 245 -2.13 28.64 0.12
C LYS B 245 -3.42 27.98 0.63
N ARG B 246 -3.63 26.71 0.31
CA ARG B 246 -4.81 25.99 0.77
C ARG B 246 -4.53 25.42 2.15
N ALA B 247 -5.52 25.54 3.04
CA ALA B 247 -5.38 25.12 4.43
C ALA B 247 -5.19 23.61 4.55
N THR B 248 -4.67 23.19 5.70
CA THR B 248 -4.55 21.79 6.07
C THR B 248 -5.43 21.49 7.28
N ILE B 249 -5.45 20.21 7.66
CA ILE B 249 -6.32 19.78 8.76
C ILE B 249 -5.95 20.51 10.04
N LYS B 250 -4.65 20.76 10.24
CA LYS B 250 -4.22 21.62 11.34
C LYS B 250 -4.79 23.02 11.18
N ASP B 251 -4.59 23.64 10.01
CA ASP B 251 -5.00 25.02 9.80
C ASP B 251 -6.48 25.22 10.09
N ILE B 252 -7.27 24.18 9.88
CA ILE B 252 -8.70 24.25 10.19
C ILE B 252 -8.95 23.97 11.66
N ARG B 253 -8.17 23.06 12.24
CA ARG B 253 -8.31 22.72 13.65
C ARG B 253 -8.25 23.95 14.55
N GLU B 254 -7.21 24.78 14.40
CA GLU B 254 -7.05 25.96 15.25
C GLU B 254 -7.83 27.18 14.75
N HIS B 255 -8.88 26.99 13.96
CA HIS B 255 -9.72 28.11 13.54
C HIS B 255 -10.83 28.35 14.56
N GLU B 256 -11.26 29.62 14.65
CA GLU B 256 -12.16 30.04 15.72
C GLU B 256 -13.51 29.34 15.63
N TRP B 257 -14.20 29.50 14.50
CA TRP B 257 -15.51 28.88 14.30
C TRP B 257 -15.47 27.39 14.61
N PHE B 258 -14.45 26.69 14.10
CA PHE B 258 -14.37 25.25 14.23
C PHE B 258 -14.36 24.80 15.69
N LYS B 259 -13.62 25.52 16.55
CA LYS B 259 -13.49 25.12 17.94
C LYS B 259 -14.83 25.13 18.69
N GLN B 260 -15.74 26.03 18.30
CA GLN B 260 -16.94 26.25 19.08
C GLN B 260 -17.87 25.04 19.06
N ASP B 261 -18.28 24.59 20.25
CA ASP B 261 -19.24 23.50 20.41
C ASP B 261 -18.73 22.21 19.76
N LEU B 262 -17.49 21.84 20.08
CA LEU B 262 -16.87 20.65 19.53
C LEU B 262 -16.71 19.59 20.61
N PRO B 263 -17.50 18.52 20.61
CA PRO B 263 -17.20 17.39 21.49
C PRO B 263 -15.89 16.74 21.09
N LYS B 264 -15.09 16.40 22.10
CA LYS B 264 -13.71 16.02 21.89
C LYS B 264 -13.52 14.54 21.58
N TYR B 265 -14.59 13.78 21.39
CA TYR B 265 -14.43 12.36 21.06
C TYR B 265 -14.24 12.15 19.56
N LEU B 266 -13.94 13.19 18.80
CA LEU B 266 -13.61 13.07 17.39
C LEU B 266 -12.10 12.93 17.17
N PHE B 267 -11.31 13.86 17.71
CA PHE B 267 -9.86 13.82 17.60
C PHE B 267 -9.26 13.13 18.81
N PRO B 268 -8.40 12.12 18.62
CA PRO B 268 -7.85 11.35 19.75
C PRO B 268 -6.80 12.14 20.52
N ASN B 320 3.92 7.01 24.84
CA ASN B 320 5.24 7.47 24.44
C ASN B 320 5.14 8.62 23.44
N ARG B 321 4.09 8.58 22.60
CA ARG B 321 3.87 9.69 21.67
C ARG B 321 3.49 10.96 22.42
N ARG B 322 2.65 10.83 23.44
CA ARG B 322 2.18 11.99 24.18
C ARG B 322 3.24 12.51 25.15
N ILE B 323 4.15 11.64 25.59
CA ILE B 323 5.27 12.09 26.40
C ILE B 323 6.20 12.96 25.57
N MET B 324 6.47 12.54 24.33
CA MET B 324 7.28 13.35 23.43
C MET B 324 6.58 14.66 23.09
N ASN B 325 5.25 14.63 22.95
CA ASN B 325 4.52 15.83 22.56
C ASN B 325 4.67 16.95 23.59
N GLU B 326 4.62 16.63 24.88
CA GLU B 326 4.61 17.67 25.91
C GLU B 326 6.00 18.16 26.29
N ALA B 327 6.80 17.28 26.90
CA ALA B 327 8.02 17.74 27.57
C ALA B 327 9.21 17.80 26.64
N LYS B 328 9.33 16.82 25.74
CA LYS B 328 10.49 16.78 24.84
C LYS B 328 10.44 17.89 23.81
N ASP B 329 9.25 18.19 23.28
CA ASP B 329 9.15 19.19 22.24
C ASP B 329 9.52 20.58 22.74
N PHE B 330 9.11 20.93 23.96
CA PHE B 330 9.47 22.25 24.49
C PHE B 330 10.99 22.38 24.60
N TYR B 331 11.66 21.33 25.07
CA TYR B 331 13.12 21.29 25.14
C TYR B 331 13.70 22.49 25.89
N SER B 335 5.18 26.86 16.28
CA SER B 335 4.50 27.86 15.46
C SER B 335 4.70 29.25 16.06
N PRO B 336 5.16 30.20 15.24
CA PRO B 336 5.36 31.56 15.72
C PRO B 336 4.04 32.25 16.00
N PRO B 337 3.89 32.85 17.19
CA PRO B 337 2.65 33.59 17.50
C PRO B 337 2.72 35.06 17.11
N ASP B 338 1.72 35.54 16.38
CA ASP B 338 1.73 36.93 15.89
C ASP B 338 1.50 37.92 17.03
N SER B 339 0.57 37.61 17.94
CA SER B 339 0.26 38.53 19.04
C SER B 339 1.44 38.70 19.98
N PHE B 340 2.13 37.61 20.31
CA PHE B 340 3.25 37.68 21.25
C PHE B 340 4.39 38.52 20.70
N LEU B 341 4.68 38.42 19.40
CA LEU B 341 5.79 39.17 18.82
C LEU B 341 5.57 40.67 18.94
N ASP B 342 4.33 41.13 18.73
CA ASP B 342 4.06 42.56 18.73
C ASP B 342 4.30 43.21 20.08
N ASP B 343 3.88 42.57 21.17
CA ASP B 343 3.97 43.17 22.50
C ASP B 343 5.18 42.70 23.31
N HIS B 344 6.01 41.80 22.78
CA HIS B 344 7.19 41.34 23.50
C HIS B 344 8.45 41.64 22.69
N HIS B 345 9.42 42.30 23.34
CA HIS B 345 10.71 42.61 22.75
C HIS B 345 11.82 41.74 23.34
N LEU B 346 11.50 40.84 24.26
CA LEU B 346 12.47 40.02 24.96
C LEU B 346 12.24 38.55 24.62
N THR B 347 13.31 37.87 24.19
CA THR B 347 13.28 36.45 23.87
C THR B 347 14.50 35.77 24.50
N ARG B 348 14.36 34.47 24.77
CA ARG B 348 15.46 33.68 25.35
C ARG B 348 16.02 32.75 24.29
N PRO B 349 17.13 33.10 23.64
CA PRO B 349 17.67 32.25 22.57
C PRO B 349 18.39 31.01 23.08
N HIS B 350 18.26 29.95 22.31
CA HIS B 350 18.96 28.71 22.61
C HIS B 350 20.48 28.95 22.61
N PRO B 351 21.22 28.35 23.56
CA PRO B 351 22.65 28.64 23.65
C PRO B 351 23.48 28.18 22.45
N GLU B 352 22.97 27.29 21.60
CA GLU B 352 23.73 26.88 20.44
C GLU B 352 23.70 27.92 19.31
N ARG B 353 22.71 28.80 19.33
CA ARG B 353 22.45 29.77 18.27
C ARG B 353 22.98 31.17 18.58
N VAL B 354 23.33 31.45 19.83
CA VAL B 354 23.57 32.82 20.31
C VAL B 354 24.68 33.63 19.63
N PRO B 355 25.69 33.04 18.98
CA PRO B 355 26.60 33.87 18.18
C PRO B 355 26.11 34.12 16.76
N PHE B 356 25.11 33.38 16.29
CA PHE B 356 24.70 33.49 14.91
C PHE B 356 23.80 34.71 14.69
N LEU B 357 22.87 34.97 15.61
CA LEU B 357 22.04 36.16 15.48
C LEU B 357 22.75 37.43 15.99
N VAL B 358 24.00 37.31 16.43
CA VAL B 358 24.83 38.48 16.75
C VAL B 358 25.80 38.76 15.60
N ALA B 359 26.22 37.70 14.90
CA ALA B 359 27.01 37.87 13.70
C ALA B 359 26.16 38.13 12.46
N GLU B 360 24.84 37.96 12.54
CA GLU B 360 23.94 38.34 11.45
C GLU B 360 23.15 39.60 11.83
N ALA B 384 22.10 31.32 1.08
CA ALA B 384 21.79 29.89 1.04
C ALA B 384 20.37 29.66 0.51
N LYS B 385 20.27 29.25 -0.76
CA LYS B 385 18.98 28.99 -1.40
C LYS B 385 19.02 27.58 -1.97
N TRP B 386 18.25 26.67 -1.38
CA TRP B 386 18.29 25.26 -1.75
C TRP B 386 17.42 25.03 -2.99
N HIS B 387 18.07 24.73 -4.10
CA HIS B 387 17.37 24.43 -5.35
C HIS B 387 16.69 23.06 -5.25
N LEU B 388 15.68 22.87 -6.09
CA LEU B 388 15.00 21.58 -6.16
C LEU B 388 15.91 20.51 -6.74
N GLY B 389 16.49 20.77 -7.91
CA GLY B 389 17.37 19.82 -8.53
C GLY B 389 18.15 20.39 -9.70
N ILE B 390 18.43 19.56 -10.71
CA ILE B 390 19.20 19.98 -11.86
C ILE B 390 18.27 20.50 -12.94
N ARG B 391 18.59 21.68 -13.46
CA ARG B 391 17.81 22.37 -14.48
C ARG B 391 18.72 22.66 -15.67
N SER B 392 18.35 22.14 -16.83
CA SER B 392 19.05 22.41 -18.08
C SER B 392 18.02 22.65 -19.18
N GLN B 393 18.02 23.86 -19.74
CA GLN B 393 17.00 24.25 -20.71
C GLN B 393 17.40 23.74 -22.09
N SER B 394 16.70 22.72 -22.56
CA SER B 394 16.96 22.07 -23.83
C SER B 394 15.74 21.24 -24.20
N ARG B 395 15.83 20.50 -25.31
CA ARG B 395 14.70 19.69 -25.74
C ARG B 395 14.52 18.49 -24.81
N PRO B 396 13.28 18.06 -24.57
CA PRO B 396 13.08 16.91 -23.66
C PRO B 396 13.78 15.64 -24.12
N ASN B 397 13.56 15.24 -25.38
CA ASN B 397 14.21 14.03 -25.88
C ASN B 397 15.72 14.19 -25.91
N ASP B 398 16.19 15.40 -26.22
CA ASP B 398 17.63 15.67 -26.22
C ASP B 398 18.24 15.42 -24.85
N ILE B 399 17.70 16.08 -23.81
CA ILE B 399 18.27 15.90 -22.47
C ILE B 399 18.13 14.46 -22.00
N MET B 400 16.99 13.82 -22.28
CA MET B 400 16.84 12.43 -21.83
C MET B 400 17.80 11.51 -22.56
N ALA B 401 18.12 11.79 -23.83
CA ALA B 401 19.12 11.01 -24.55
C ALA B 401 20.49 11.22 -23.96
N GLU B 402 20.84 12.48 -23.65
CA GLU B 402 22.11 12.77 -22.99
C GLU B 402 22.24 11.98 -21.68
N VAL B 403 21.17 11.96 -20.89
CA VAL B 403 21.19 11.26 -19.61
C VAL B 403 21.33 9.75 -19.81
N CYS B 404 20.59 9.19 -20.78
CA CYS B 404 20.69 7.77 -21.06
C CYS B 404 22.03 7.39 -21.67
N ARG B 405 22.74 8.36 -22.25
CA ARG B 405 24.08 8.10 -22.76
C ARG B 405 25.11 8.15 -21.63
N ALA B 406 24.92 9.07 -20.68
CA ALA B 406 25.90 9.20 -19.60
C ALA B 406 25.73 8.10 -18.55
N ILE B 407 24.50 7.64 -18.32
CA ILE B 407 24.31 6.53 -17.37
C ILE B 407 24.86 5.24 -17.95
N LYS B 408 24.91 5.13 -19.29
CA LYS B 408 25.52 3.98 -19.93
C LYS B 408 27.04 4.10 -19.94
N GLN B 409 27.55 5.32 -20.14
CA GLN B 409 28.99 5.57 -20.02
C GLN B 409 29.48 5.20 -18.62
N LEU B 410 28.67 5.49 -17.60
CA LEU B 410 28.97 5.07 -16.23
C LEU B 410 28.79 3.57 -16.01
N ASP B 411 28.45 2.81 -17.04
CA ASP B 411 28.39 1.35 -17.05
C ASP B 411 27.26 0.78 -16.20
N TYR B 412 26.34 1.61 -15.73
CA TYR B 412 25.19 1.13 -14.98
C TYR B 412 24.06 0.76 -15.95
N GLU B 413 22.98 0.19 -15.40
CA GLU B 413 21.91 -0.39 -16.20
C GLU B 413 20.56 0.12 -15.73
N TRP B 414 19.62 0.19 -16.67
CA TRP B 414 18.35 0.87 -16.44
C TRP B 414 17.21 0.05 -17.03
N LYS B 415 15.99 0.43 -16.67
CA LYS B 415 14.79 0.10 -17.41
C LYS B 415 13.91 1.34 -17.50
N VAL B 416 13.09 1.40 -18.55
CA VAL B 416 12.12 2.48 -18.74
C VAL B 416 10.72 1.91 -18.65
N VAL B 417 9.85 2.62 -17.93
CA VAL B 417 8.42 2.33 -17.93
C VAL B 417 7.76 3.32 -18.88
N ASN B 418 7.87 4.63 -18.55
CA ASN B 418 7.50 5.75 -19.39
C ASN B 418 8.76 6.33 -20.05
N PRO B 419 8.62 6.96 -21.22
CA PRO B 419 9.79 7.55 -21.88
C PRO B 419 10.50 8.59 -21.05
N TYR B 420 9.80 9.23 -20.10
CA TYR B 420 10.41 10.20 -19.19
C TYR B 420 10.63 9.63 -17.79
N TYR B 421 10.50 8.33 -17.61
CA TYR B 421 10.65 7.69 -16.32
C TYR B 421 11.66 6.55 -16.41
N LEU B 422 12.55 6.47 -15.43
CA LEU B 422 13.52 5.38 -15.35
C LEU B 422 13.57 4.81 -13.95
N ARG B 423 13.87 3.51 -13.88
CA ARG B 423 14.17 2.82 -12.62
C ARG B 423 15.55 2.22 -12.78
N VAL B 424 16.52 2.75 -12.03
CA VAL B 424 17.91 2.39 -12.24
C VAL B 424 18.47 1.84 -10.94
N ARG B 425 19.47 0.98 -11.07
CA ARG B 425 20.06 0.32 -9.90
C ARG B 425 21.53 0.01 -10.19
N ARG B 426 22.32 0.00 -9.12
CA ARG B 426 23.72 -0.40 -9.19
C ARG B 426 23.99 -1.53 -8.21
N LYS B 427 25.14 -2.17 -8.42
CA LYS B 427 25.65 -3.19 -7.52
C LYS B 427 26.76 -2.62 -6.66
N ASN B 428 26.74 -2.94 -5.38
CA ASN B 428 27.78 -2.53 -4.46
C ASN B 428 29.11 -3.13 -4.91
N PRO B 429 30.19 -2.33 -4.98
CA PRO B 429 31.50 -2.93 -5.30
C PRO B 429 32.07 -3.77 -4.18
N VAL B 430 31.83 -3.41 -2.92
CA VAL B 430 32.46 -4.12 -1.80
C VAL B 430 31.62 -5.31 -1.36
N THR B 431 30.30 -5.21 -1.39
CA THR B 431 29.39 -6.29 -1.00
C THR B 431 28.63 -6.73 -2.24
N SER B 432 27.84 -7.80 -2.10
CA SER B 432 27.05 -8.31 -3.21
C SER B 432 25.68 -7.65 -3.33
N THR B 433 25.37 -6.67 -2.47
CA THR B 433 24.07 -6.06 -2.42
C THR B 433 23.85 -5.10 -3.60
N TYR B 434 22.60 -4.70 -3.78
CA TYR B 434 22.20 -3.80 -4.86
C TYR B 434 21.39 -2.64 -4.29
N SER B 435 21.56 -1.45 -4.89
CA SER B 435 20.79 -0.28 -4.50
C SER B 435 20.07 0.30 -5.72
N LYS B 436 18.89 0.88 -5.49
CA LYS B 436 18.02 1.34 -6.56
C LYS B 436 17.63 2.80 -6.36
N MET B 437 17.00 3.36 -7.39
CA MET B 437 16.40 4.70 -7.33
C MET B 437 15.62 4.91 -8.63
N SER B 438 14.82 5.97 -8.65
CA SER B 438 13.96 6.31 -9.77
C SER B 438 14.25 7.72 -10.25
N LEU B 439 14.13 7.92 -11.56
CA LEU B 439 14.27 9.22 -12.20
C LEU B 439 12.98 9.59 -12.90
N GLN B 440 12.48 10.80 -12.63
CA GLN B 440 11.31 11.35 -13.31
C GLN B 440 11.61 12.78 -13.72
N LEU B 441 11.52 13.06 -15.02
CA LEU B 441 11.76 14.40 -15.54
C LEU B 441 10.50 15.25 -15.42
N TYR B 442 10.69 16.49 -14.97
CA TYR B 442 9.59 17.43 -14.77
C TYR B 442 9.75 18.64 -15.70
N GLN B 443 8.79 19.57 -15.59
CA GLN B 443 8.83 20.85 -16.29
C GLN B 443 8.49 21.96 -15.30
N VAL B 444 9.42 22.89 -15.10
CA VAL B 444 9.10 24.02 -14.24
C VAL B 444 8.37 25.10 -15.02
N ASP B 445 8.73 25.29 -16.30
CA ASP B 445 7.96 26.21 -17.13
C ASP B 445 8.38 26.02 -18.58
N SER B 446 7.73 26.79 -19.46
CA SER B 446 7.90 26.63 -20.91
C SER B 446 9.35 26.77 -21.33
N ARG B 447 10.16 27.50 -20.56
CA ARG B 447 11.56 27.64 -20.90
C ARG B 447 12.46 26.60 -20.25
N THR B 448 12.08 26.05 -19.09
CA THR B 448 13.01 25.26 -18.30
C THR B 448 12.34 24.01 -17.76
N TYR B 449 13.14 22.95 -17.66
CA TYR B 449 12.77 21.65 -17.09
C TYR B 449 13.55 21.39 -15.80
N LEU B 450 13.09 20.39 -15.05
CA LEU B 450 13.74 19.93 -13.82
C LEU B 450 13.88 18.41 -13.88
N LEU B 451 15.03 17.89 -13.46
CA LEU B 451 15.24 16.44 -13.42
C LEU B 451 15.30 16.01 -11.95
N ASP B 452 14.31 15.22 -11.54
CA ASP B 452 14.11 14.85 -10.14
C ASP B 452 14.78 13.52 -9.81
N PHE B 453 15.21 13.39 -8.56
CA PHE B 453 15.93 12.22 -8.07
C PHE B 453 15.20 11.69 -6.83
N ARG B 454 14.66 10.47 -6.92
CA ARG B 454 13.85 9.90 -5.87
C ARG B 454 14.45 8.59 -5.37
N SER B 455 14.47 8.41 -4.06
CA SER B 455 14.98 7.20 -3.42
C SER B 455 13.86 6.17 -3.24
N ILE B 456 14.26 4.96 -2.85
CA ILE B 456 13.34 3.84 -2.67
C ILE B 456 13.55 3.17 -1.31
N ASP B 457 12.85 2.08 -1.07
CA ASP B 457 12.97 1.28 0.14
C ASP B 457 13.50 -0.11 -0.19
N ASP B 458 14.07 -0.77 0.81
CA ASP B 458 14.45 -2.19 0.71
C ASP B 458 13.55 -3.00 1.63
N GLU B 459 12.94 -4.04 1.08
CA GLU B 459 11.85 -4.71 1.79
C GLU B 459 12.35 -5.59 2.93
N LEU B 460 13.44 -6.34 2.73
CA LEU B 460 13.73 -7.48 3.62
C LEU B 460 15.04 -7.39 4.37
N THR B 461 16.18 -7.47 3.69
CA THR B 461 17.40 -7.92 4.35
C THR B 461 18.06 -6.79 5.15
N PRO B 462 18.54 -7.08 6.38
CA PRO B 462 19.34 -6.08 7.09
C PRO B 462 20.73 -5.95 6.49
N ARG B 463 20.94 -4.87 5.74
CA ARG B 463 22.14 -4.66 4.95
C ARG B 463 23.15 -3.82 5.73
N PRO B 464 24.39 -4.25 5.86
CA PRO B 464 25.40 -3.48 6.60
C PRO B 464 25.99 -2.34 5.78
N GLY B 465 25.12 -1.45 5.30
CA GLY B 465 25.51 -0.30 4.51
C GLY B 465 24.42 0.74 4.55
N SER B 466 24.76 1.95 4.14
CA SER B 466 23.85 3.09 4.26
C SER B 466 23.13 3.33 2.95
N HIS B 467 21.81 3.08 2.96
CA HIS B 467 20.96 3.41 1.83
C HIS B 467 21.14 4.86 1.39
N THR B 468 21.02 5.79 2.33
CA THR B 468 21.04 7.21 2.00
C THR B 468 22.35 7.58 1.31
N ILE B 469 23.47 7.07 1.81
CA ILE B 469 24.77 7.42 1.25
C ILE B 469 24.97 6.78 -0.12
N GLU B 470 24.60 5.51 -0.26
CA GLU B 470 24.72 4.89 -1.58
C GLU B 470 23.88 5.63 -2.62
N PHE B 471 22.68 6.08 -2.22
CA PHE B 471 21.83 6.92 -3.07
C PHE B 471 22.53 8.22 -3.46
N PHE B 472 23.04 8.93 -2.45
CA PHE B 472 23.70 10.20 -2.72
C PHE B 472 24.91 10.02 -3.64
N GLU B 473 25.68 8.95 -3.44
CA GLU B 473 26.85 8.71 -4.28
C GLU B 473 26.46 8.34 -5.71
N MET B 474 25.37 7.59 -5.90
CA MET B 474 24.91 7.35 -7.26
C MET B 474 24.49 8.65 -7.92
N CYS B 475 23.76 9.50 -7.18
CA CYS B 475 23.33 10.78 -7.75
C CYS B 475 24.52 11.68 -8.07
N ALA B 476 25.51 11.72 -7.18
CA ALA B 476 26.74 12.48 -7.43
C ALA B 476 27.47 11.98 -8.67
N ASN B 477 27.68 10.66 -8.78
CA ASN B 477 28.39 10.13 -9.92
C ASN B 477 27.65 10.40 -11.23
N LEU B 478 26.32 10.47 -11.17
CA LEU B 478 25.54 10.96 -12.31
C LEU B 478 25.82 12.44 -12.61
N ILE B 479 25.49 13.30 -11.64
CA ILE B 479 25.51 14.74 -11.85
C ILE B 479 26.90 15.23 -12.24
N LYS B 480 27.96 14.52 -11.83
CA LYS B 480 29.30 14.93 -12.23
C LYS B 480 29.50 14.77 -13.74
N ILE B 481 29.06 13.64 -14.30
CA ILE B 481 29.20 13.43 -15.73
C ILE B 481 28.22 14.30 -16.50
N LEU B 482 27.09 14.66 -15.87
CA LEU B 482 26.10 15.48 -16.55
C LEU B 482 26.47 16.96 -16.58
N ALA B 483 27.15 17.45 -15.55
CA ALA B 483 27.67 18.81 -15.57
C ALA B 483 28.96 18.88 -16.40
N GLN B 484 29.98 18.14 -15.99
CA GLN B 484 31.27 18.16 -16.67
C GLN B 484 31.47 16.90 -17.50
N PRO C 112 1.70 -1.78 -17.52
CA PRO C 112 1.47 -2.55 -18.74
C PRO C 112 1.59 -1.70 -20.01
N GLY C 113 2.77 -1.14 -20.24
CA GLY C 113 3.01 -0.32 -21.39
C GLY C 113 4.08 -0.89 -22.29
N PRO C 114 3.79 -0.97 -23.59
CA PRO C 114 4.78 -1.50 -24.54
C PRO C 114 5.81 -0.44 -24.93
N TYR C 115 7.02 -0.92 -25.19
CA TYR C 115 8.14 -0.06 -25.59
C TYR C 115 8.86 -0.74 -26.74
N GLY C 116 9.06 0.00 -27.84
CA GLY C 116 9.45 -0.60 -29.10
C GLY C 116 10.88 -1.10 -29.19
N GLN C 117 11.86 -0.23 -28.97
CA GLN C 117 13.27 -0.55 -29.16
C GLN C 117 14.09 0.01 -28.01
N GLU C 118 15.13 -0.73 -27.61
CA GLU C 118 15.94 -0.39 -26.45
C GLU C 118 17.38 -0.06 -26.82
N MET C 119 18.03 -0.89 -27.64
CA MET C 119 19.43 -0.68 -27.97
C MET C 119 19.62 0.60 -28.78
N TYR C 120 18.73 0.85 -29.75
CA TYR C 120 18.79 2.03 -30.58
C TYR C 120 17.43 2.71 -30.62
N ALA C 121 17.43 4.00 -30.90
CA ALA C 121 16.21 4.80 -30.95
C ALA C 121 15.68 4.75 -32.38
N PHE C 122 14.60 3.98 -32.59
CA PHE C 122 14.05 3.79 -33.92
C PHE C 122 13.33 5.04 -34.41
N ARG C 123 12.31 5.48 -33.66
CA ARG C 123 11.52 6.65 -34.04
C ARG C 123 11.07 7.37 -32.78
N SER C 124 10.69 8.64 -32.96
CA SER C 124 10.17 9.45 -31.87
C SER C 124 8.75 9.02 -31.50
N ALA C 125 8.28 9.50 -30.35
CA ALA C 125 6.94 9.16 -29.88
C ALA C 125 5.88 9.75 -30.81
N ALA C 126 4.78 9.03 -30.94
CA ALA C 126 3.68 9.47 -31.80
C ALA C 126 3.02 10.71 -31.24
N ARG C 127 2.90 10.82 -29.93
CA ARG C 127 2.29 12.00 -29.31
C ARG C 127 3.16 13.23 -29.53
N PHE C 128 2.51 14.36 -29.83
CA PHE C 128 3.26 15.59 -30.11
C PHE C 128 3.97 16.11 -28.88
N LYS C 129 3.25 16.20 -27.75
CA LYS C 129 3.79 16.72 -26.49
C LYS C 129 3.45 15.76 -25.37
N SER C 130 4.47 15.32 -24.62
CA SER C 130 4.25 14.59 -23.36
C SER C 130 5.15 15.06 -22.21
N PRO C 131 5.18 16.36 -21.91
CA PRO C 131 5.88 16.80 -20.71
C PRO C 131 4.96 16.80 -19.51
N PRO C 132 5.43 16.36 -18.35
CA PRO C 132 4.66 16.54 -17.10
C PRO C 132 5.07 17.82 -16.39
N ILE C 133 4.08 18.54 -15.89
CA ILE C 133 4.31 19.83 -15.26
C ILE C 133 4.54 19.62 -13.77
N LEU C 134 5.51 20.35 -13.23
CA LEU C 134 5.88 20.21 -11.82
C LEU C 134 4.76 20.65 -10.90
N PRO C 135 4.31 19.81 -9.96
CA PRO C 135 3.37 20.27 -8.95
C PRO C 135 4.07 21.19 -7.96
N PRO C 136 3.35 22.15 -7.39
CA PRO C 136 3.99 23.12 -6.47
C PRO C 136 4.33 22.57 -5.10
N HIS C 137 4.25 21.26 -4.86
CA HIS C 137 4.58 20.69 -3.57
C HIS C 137 6.06 20.35 -3.40
N LEU C 138 6.78 20.18 -4.50
CA LEU C 138 8.23 20.02 -4.44
C LEU C 138 8.99 21.34 -4.51
N LEU C 139 8.30 22.43 -4.88
CA LEU C 139 8.90 23.76 -4.82
C LEU C 139 8.98 24.28 -3.40
N GLN C 140 8.16 23.74 -2.50
CA GLN C 140 8.19 24.09 -1.08
C GLN C 140 9.34 23.33 -0.44
N VAL C 141 10.45 24.02 -0.21
CA VAL C 141 11.63 23.43 0.40
C VAL C 141 11.63 23.73 1.88
N ILE C 142 12.05 22.75 2.69
CA ILE C 142 12.04 22.90 4.14
C ILE C 142 13.35 23.46 4.69
N LEU C 143 14.45 23.37 3.93
CA LEU C 143 15.72 23.90 4.40
C LEU C 143 15.76 25.42 4.31
N ASN C 144 15.11 26.00 3.31
CA ASN C 144 15.05 27.45 3.16
C ASN C 144 14.04 28.09 4.11
N LYS C 145 13.24 27.29 4.82
CA LYS C 145 12.39 27.81 5.87
C LYS C 145 13.22 28.22 7.08
N ASP C 146 12.95 29.42 7.61
CA ASP C 146 13.68 29.94 8.76
C ASP C 146 12.99 29.47 10.04
N THR C 147 13.66 28.59 10.78
CA THR C 147 13.07 28.00 11.98
C THR C 147 13.01 29.05 13.10
N ASN C 148 12.54 28.59 14.26
CA ASN C 148 12.44 29.45 15.43
C ASN C 148 13.83 29.66 16.05
N ILE C 149 14.02 30.85 16.62
CA ILE C 149 15.30 31.19 17.24
C ILE C 149 15.50 30.40 18.53
N SER C 150 14.42 30.24 19.31
CA SER C 150 14.54 29.75 20.68
C SER C 150 14.66 28.24 20.81
N CYS C 151 14.22 27.48 19.81
CA CYS C 151 14.08 26.04 20.03
C CYS C 151 15.40 25.30 19.83
N ASP C 152 15.88 25.25 18.58
CA ASP C 152 17.07 24.48 18.23
C ASP C 152 17.44 24.74 16.77
N PRO C 153 18.71 24.97 16.45
CA PRO C 153 19.12 24.90 15.04
C PRO C 153 19.01 23.50 14.46
N ALA C 154 19.12 22.46 15.30
CA ALA C 154 19.12 21.09 14.77
C ALA C 154 17.74 20.68 14.27
N LEU C 155 16.69 21.03 15.02
CA LEU C 155 15.34 20.62 14.64
C LEU C 155 14.87 21.35 13.38
N LEU C 156 13.78 20.84 12.82
CA LEU C 156 13.11 21.37 11.64
C LEU C 156 11.61 21.21 11.82
N PRO C 157 10.81 22.05 11.16
CA PRO C 157 9.36 21.81 11.14
C PRO C 157 9.02 20.54 10.36
N GLU C 158 7.83 20.01 10.66
CA GLU C 158 7.41 18.72 10.13
C GLU C 158 7.15 18.80 8.62
N PRO C 159 7.91 18.10 7.79
CA PRO C 159 7.67 18.13 6.34
C PRO C 159 6.45 17.30 5.95
N ASN C 160 6.08 17.41 4.67
CA ASN C 160 4.97 16.66 4.10
C ASN C 160 5.46 15.32 3.56
N HIS C 161 4.60 14.31 3.66
CA HIS C 161 4.99 12.94 3.34
C HIS C 161 5.40 12.77 1.89
N VAL C 162 4.85 13.59 0.99
CA VAL C 162 5.16 13.45 -0.43
C VAL C 162 6.61 13.84 -0.71
N MET C 163 6.99 15.06 -0.33
CA MET C 163 8.27 15.63 -0.74
C MET C 163 9.48 14.94 -0.12
N LEU C 164 9.31 13.83 0.62
CA LEU C 164 10.40 13.25 1.40
C LEU C 164 11.48 12.64 0.51
N ASN C 165 11.14 11.59 -0.24
CA ASN C 165 12.15 10.76 -0.89
C ASN C 165 12.92 11.51 -1.97
N HIS C 166 12.35 12.59 -2.51
CA HIS C 166 13.00 13.37 -3.54
C HIS C 166 14.27 14.04 -3.01
N LEU C 167 15.15 14.41 -3.93
CA LEU C 167 16.45 14.96 -3.59
C LEU C 167 16.45 16.47 -3.76
N TYR C 168 16.95 17.18 -2.74
CA TYR C 168 17.05 18.64 -2.71
C TYR C 168 18.53 18.99 -2.77
N ALA C 169 19.00 19.38 -3.95
CA ALA C 169 20.40 19.70 -4.16
C ALA C 169 20.62 21.19 -3.98
N LEU C 170 21.58 21.54 -3.12
CA LEU C 170 22.06 22.92 -3.02
C LEU C 170 22.98 23.21 -4.20
N SER C 171 22.94 24.45 -4.68
CA SER C 171 23.73 24.83 -5.86
C SER C 171 25.23 24.66 -5.61
N ILE C 172 25.90 23.99 -6.54
CA ILE C 172 27.34 23.75 -6.44
C ILE C 172 28.08 25.08 -6.57
N LYS C 173 28.84 25.44 -5.53
CA LYS C 173 29.54 26.72 -5.46
C LYS C 173 31.03 26.62 -5.72
N ASP C 174 31.76 25.77 -4.96
CA ASP C 174 33.20 25.69 -5.09
C ASP C 174 33.62 24.22 -5.23
N SER C 175 33.53 23.70 -6.46
CA SER C 175 34.09 22.41 -6.86
C SER C 175 33.70 21.26 -5.93
N VAL C 176 32.57 21.38 -5.25
CA VAL C 176 32.06 20.31 -4.39
C VAL C 176 30.55 20.26 -4.57
N MET C 177 29.98 19.07 -4.38
CA MET C 177 28.55 18.89 -4.50
C MET C 177 27.93 18.93 -3.11
N VAL C 178 26.69 19.44 -3.06
CA VAL C 178 25.99 19.68 -1.80
C VAL C 178 24.53 19.25 -1.94
N LEU C 179 24.20 18.04 -1.47
CA LEU C 179 22.89 17.45 -1.72
C LEU C 179 22.27 16.99 -0.41
N SER C 180 20.93 16.93 -0.36
CA SER C 180 20.27 16.51 0.86
C SER C 180 18.97 15.78 0.52
N ALA C 181 18.54 14.92 1.45
CA ALA C 181 17.26 14.22 1.30
C ALA C 181 16.63 13.99 2.67
N THR C 182 15.31 13.99 2.71
CA THR C 182 14.55 13.70 3.92
C THR C 182 14.06 12.25 3.87
N HIS C 183 14.61 11.43 4.76
CA HIS C 183 14.27 10.01 4.85
C HIS C 183 13.34 9.73 6.01
N ARG C 184 12.32 8.92 5.73
CA ARG C 184 11.31 8.53 6.70
C ARG C 184 11.78 7.35 7.55
N TYR C 185 11.24 7.27 8.75
CA TYR C 185 11.33 6.08 9.59
C TYR C 185 9.93 5.83 10.15
N LYS C 186 9.81 4.96 11.15
CA LYS C 186 8.48 4.56 11.63
C LYS C 186 7.68 5.77 12.10
N LYS C 187 8.20 6.50 13.10
CA LYS C 187 7.57 7.72 13.59
C LYS C 187 8.55 8.89 13.61
N LYS C 188 9.62 8.82 12.82
CA LYS C 188 10.68 9.80 12.86
C LYS C 188 11.10 10.17 11.45
N TYR C 189 11.29 11.46 11.21
CA TYR C 189 11.82 11.97 9.96
C TYR C 189 13.22 12.51 10.20
N VAL C 190 14.11 12.32 9.22
CA VAL C 190 15.47 12.85 9.32
C VAL C 190 15.85 13.48 8.00
N THR C 191 16.62 14.56 8.06
CA THR C 191 17.16 15.21 6.87
C THR C 191 18.67 15.02 6.85
N THR C 192 19.16 14.30 5.84
CA THR C 192 20.58 13.98 5.71
C THR C 192 21.19 14.88 4.62
N LEU C 193 22.23 15.63 5.01
CA LEU C 193 23.00 16.47 4.11
C LEU C 193 24.38 15.87 3.88
N LEU C 194 24.81 15.81 2.63
CA LEU C 194 26.14 15.34 2.27
C LEU C 194 26.84 16.38 1.39
N TYR C 195 28.05 16.74 1.78
CA TYR C 195 28.96 17.55 0.98
C TYR C 195 30.05 16.63 0.46
N LYS C 196 30.03 16.33 -0.84
CA LYS C 196 31.03 15.41 -1.41
C LYS C 196 31.80 16.08 -2.55
N PRO C 197 33.12 16.19 -2.43
CA PRO C 197 33.91 16.76 -3.53
C PRO C 197 33.83 15.91 -4.80
N ILE C 198 33.98 16.58 -5.93
CA ILE C 198 33.99 15.92 -7.24
C ILE C 198 35.13 14.91 -7.35
N ASN D 4 18.41 4.38 45.59
CA ASN D 4 19.32 5.02 44.66
C ASN D 4 19.19 4.46 43.25
N ASN D 5 19.85 3.33 43.01
CA ASN D 5 19.84 2.68 41.71
C ASN D 5 18.59 1.85 41.46
N SER D 6 17.60 1.92 42.34
CA SER D 6 16.41 1.09 42.20
C SER D 6 15.52 1.58 41.06
N VAL D 7 15.46 2.89 40.82
CA VAL D 7 14.53 3.46 39.86
C VAL D 7 15.25 3.99 38.62
N TYR D 8 16.42 4.59 38.79
CA TYR D 8 17.10 5.18 37.64
C TYR D 8 17.63 4.11 36.69
N THR D 9 18.27 3.08 37.23
CA THR D 9 18.85 2.05 36.38
C THR D 9 17.76 1.28 35.66
N PHE D 10 16.65 1.03 36.35
CA PHE D 10 15.49 0.39 35.73
C PHE D 10 14.90 1.28 34.62
N PHE D 11 14.78 2.59 34.89
CA PHE D 11 14.21 3.51 33.91
C PHE D 11 15.09 3.64 32.67
N MET D 12 16.40 3.49 32.81
CA MET D 12 17.29 3.59 31.67
C MET D 12 17.52 2.25 30.98
N LYS D 13 17.21 1.13 31.64
CA LYS D 13 17.25 -0.16 30.95
C LYS D 13 15.95 -0.48 30.22
N SER D 14 14.81 0.03 30.70
CA SER D 14 13.54 -0.31 30.08
C SER D 14 13.24 0.51 28.83
N HIS D 15 13.82 1.70 28.69
CA HIS D 15 13.56 2.57 27.56
C HIS D 15 14.76 2.58 26.62
N ARG D 16 14.47 2.60 25.33
CA ARG D 16 15.49 2.49 24.29
C ARG D 16 15.87 3.87 23.76
N CYS D 17 16.90 3.89 22.91
CA CYS D 17 17.40 5.14 22.38
C CYS D 17 16.49 5.73 21.31
N TYR D 18 15.61 4.92 20.72
CA TYR D 18 14.72 5.40 19.66
C TYR D 18 13.88 6.56 20.16
N ASP D 19 13.27 6.39 21.33
CA ASP D 19 12.40 7.42 21.88
C ASP D 19 13.17 8.71 22.13
N LEU D 20 14.47 8.61 22.42
CA LEU D 20 15.26 9.81 22.70
C LEU D 20 15.30 10.75 21.50
N ILE D 21 15.27 10.20 20.29
CA ILE D 21 15.45 11.02 19.08
C ILE D 21 14.27 11.95 18.91
N PRO D 22 14.49 13.22 18.54
CA PRO D 22 13.37 14.11 18.22
C PRO D 22 12.68 13.69 16.93
N THR D 23 11.54 14.34 16.67
CA THR D 23 10.69 13.95 15.56
C THR D 23 11.30 14.35 14.21
N SER D 24 11.59 15.64 14.04
CA SER D 24 12.19 16.15 12.82
C SER D 24 13.45 16.92 13.16
N SER D 25 14.56 16.56 12.51
CA SER D 25 15.85 17.17 12.80
C SER D 25 16.66 17.29 11.51
N LYS D 26 17.72 18.10 11.58
CA LYS D 26 18.64 18.33 10.47
C LYS D 26 20.03 17.85 10.86
N LEU D 27 20.59 16.96 10.04
CA LEU D 27 21.90 16.37 10.29
C LEU D 27 22.72 16.40 9.02
N VAL D 28 24.04 16.59 9.18
CA VAL D 28 24.96 16.60 8.06
C VAL D 28 25.99 15.50 8.25
N VAL D 29 26.62 15.10 7.14
CA VAL D 29 27.77 14.20 7.16
C VAL D 29 28.83 14.77 6.23
N PHE D 30 30.07 14.39 6.48
CA PHE D 30 31.21 14.90 5.72
C PHE D 30 31.93 13.77 5.02
N ASP D 31 32.56 14.11 3.90
CA ASP D 31 33.43 13.20 3.19
C ASP D 31 34.87 13.40 3.64
N THR D 32 35.66 12.33 3.54
CA THR D 32 37.05 12.40 3.95
C THR D 32 37.92 13.14 2.94
N SER D 33 37.53 13.15 1.66
CA SER D 33 38.28 13.88 0.66
C SER D 33 38.08 15.39 0.74
N LEU D 34 37.08 15.83 1.50
CA LEU D 34 36.83 17.26 1.69
C LEU D 34 37.96 17.90 2.47
N GLN D 35 38.16 19.20 2.24
CA GLN D 35 39.13 19.93 3.02
C GLN D 35 38.52 20.37 4.34
N VAL D 36 39.40 20.74 5.27
CA VAL D 36 38.96 21.11 6.62
C VAL D 36 38.23 22.45 6.59
N LYS D 37 38.90 23.50 6.10
CA LYS D 37 38.39 24.86 6.24
C LYS D 37 37.01 25.01 5.62
N LYS D 38 36.79 24.39 4.47
CA LYS D 38 35.46 24.32 3.88
C LYS D 38 34.42 23.83 4.89
N ALA D 39 34.59 22.60 5.38
CA ALA D 39 33.63 22.03 6.33
C ALA D 39 33.47 22.91 7.57
N PHE D 40 34.55 23.57 7.97
CA PHE D 40 34.49 24.38 9.19
C PHE D 40 33.65 25.62 8.96
N PHE D 41 33.95 26.37 7.89
CA PHE D 41 33.11 27.50 7.54
C PHE D 41 31.68 27.08 7.34
N ALA D 42 31.46 25.84 6.89
CA ALA D 42 30.09 25.35 6.71
C ALA D 42 29.39 25.08 8.04
N LEU D 43 30.14 24.68 9.06
CA LEU D 43 29.51 24.29 10.32
C LEU D 43 28.82 25.44 11.02
N VAL D 44 29.23 26.69 10.78
CA VAL D 44 28.50 27.81 11.35
C VAL D 44 27.27 28.16 10.53
N THR D 45 27.37 28.07 9.19
CA THR D 45 26.25 28.41 8.34
C THR D 45 25.11 27.41 8.47
N ASN D 46 25.44 26.15 8.76
CA ASN D 46 24.40 25.14 8.93
C ASN D 46 23.85 25.06 10.35
N GLY D 47 24.58 25.60 11.33
CA GLY D 47 24.13 25.62 12.71
C GLY D 47 24.45 24.37 13.51
N VAL D 48 25.10 23.38 12.90
CA VAL D 48 25.45 22.14 13.58
C VAL D 48 26.95 22.11 13.79
N ARG D 49 27.35 21.48 14.90
CA ARG D 49 28.74 21.44 15.29
C ARG D 49 29.40 20.09 15.10
N ALA D 50 28.64 19.04 14.78
CA ALA D 50 29.20 17.70 14.66
C ALA D 50 28.70 17.04 13.38
N ALA D 51 29.55 16.17 12.80
CA ALA D 51 29.17 15.44 11.59
C ALA D 51 29.88 14.09 11.53
N PRO D 52 29.17 13.01 11.19
CA PRO D 52 29.84 11.74 10.96
C PRO D 52 30.62 11.74 9.65
N LEU D 53 31.88 11.32 9.72
CA LEU D 53 32.74 11.25 8.54
C LEU D 53 32.42 9.99 7.74
N TRP D 54 32.25 10.14 6.44
CA TRP D 54 32.04 9.01 5.56
C TRP D 54 33.15 8.96 4.53
N ASP D 55 33.86 7.84 4.49
CA ASP D 55 34.86 7.61 3.46
C ASP D 55 34.18 6.93 2.28
N SER D 56 34.44 7.45 1.07
CA SER D 56 33.79 6.92 -0.12
C SER D 56 34.34 5.53 -0.46
N LYS D 57 35.62 5.31 -0.23
CA LYS D 57 36.24 4.05 -0.63
C LYS D 57 35.90 2.92 0.33
N LYS D 58 35.96 3.18 1.64
CA LYS D 58 35.83 2.11 2.62
C LYS D 58 34.39 1.67 2.84
N GLN D 59 33.42 2.49 2.45
CA GLN D 59 32.01 2.17 2.60
C GLN D 59 31.67 1.92 4.08
N SER D 60 32.21 2.77 4.95
CA SER D 60 31.88 2.73 6.36
C SER D 60 31.98 4.13 6.92
N PHE D 61 31.55 4.29 8.17
CA PHE D 61 31.71 5.54 8.90
C PHE D 61 33.05 5.49 9.63
N VAL D 62 34.02 6.25 9.14
CA VAL D 62 35.37 6.17 9.70
C VAL D 62 35.48 6.91 11.02
N GLY D 63 34.74 8.00 11.21
CA GLY D 63 34.81 8.70 12.48
C GLY D 63 33.82 9.83 12.66
N MET D 64 34.18 10.79 13.51
CA MET D 64 33.33 11.93 13.83
C MET D 64 34.16 13.20 13.67
N LEU D 65 33.47 14.31 13.41
CA LEU D 65 34.10 15.63 13.29
C LEU D 65 33.34 16.58 14.20
N THR D 66 33.99 16.98 15.30
CA THR D 66 33.44 17.93 16.26
C THR D 66 34.35 19.15 16.35
N ILE D 67 34.03 20.05 17.28
CA ILE D 67 34.81 21.28 17.43
C ILE D 67 36.09 21.03 18.19
N THR D 68 36.22 19.84 18.81
CA THR D 68 37.49 19.45 19.42
C THR D 68 38.55 19.25 18.35
N ASP D 69 38.17 18.70 17.19
CA ASP D 69 39.10 18.55 16.08
C ASP D 69 39.57 19.91 15.59
N PHE D 70 38.61 20.83 15.38
CA PHE D 70 38.91 22.22 15.08
C PHE D 70 39.95 22.78 16.03
N ILE D 71 39.71 22.65 17.34
CA ILE D 71 40.63 23.15 18.36
C ILE D 71 42.02 22.50 18.21
N ASN D 72 42.04 21.17 18.05
CA ASN D 72 43.30 20.44 17.94
C ASN D 72 44.13 20.94 16.76
N ILE D 73 43.51 21.01 15.58
CA ILE D 73 44.26 21.45 14.39
C ILE D 73 44.69 22.90 14.52
N LEU D 74 43.90 23.74 15.20
CA LEU D 74 44.27 25.15 15.34
C LEU D 74 45.47 25.33 16.27
N HIS D 75 45.44 24.66 17.42
CA HIS D 75 46.58 24.73 18.34
C HIS D 75 47.82 24.08 17.73
N ARG D 76 47.69 22.85 17.26
CA ARG D 76 48.85 22.06 16.83
C ARG D 76 49.61 22.73 15.69
N TYR D 77 48.89 23.33 14.75
CA TYR D 77 49.51 24.01 13.61
C TYR D 77 49.24 25.50 13.78
N TYR D 78 50.12 26.18 14.51
CA TYR D 78 49.99 27.62 14.70
C TYR D 78 51.36 28.16 15.03
N LYS D 79 51.90 29.00 14.16
CA LYS D 79 53.21 29.59 14.37
C LYS D 79 53.11 31.08 14.66
N SER D 80 52.50 31.85 13.77
CA SER D 80 52.37 33.28 13.98
C SER D 80 50.94 33.68 13.68
N ALA D 81 50.65 34.97 13.86
CA ALA D 81 49.27 35.42 13.82
C ALA D 81 48.79 36.06 12.51
N LEU D 82 49.69 36.49 11.61
CA LEU D 82 49.22 37.00 10.30
C LEU D 82 49.85 36.33 9.07
N VAL D 83 51.15 35.96 9.02
CA VAL D 83 51.79 35.50 7.77
C VAL D 83 52.03 33.98 7.67
N GLN D 84 51.55 33.15 8.61
CA GLN D 84 51.85 31.71 8.48
C GLN D 84 50.65 30.86 8.07
N ILE D 85 49.46 31.45 8.00
CA ILE D 85 48.21 30.70 7.96
C ILE D 85 47.98 29.97 6.65
N TYR D 86 48.95 30.02 5.72
CA TYR D 86 48.82 29.33 4.45
C TYR D 86 48.56 27.83 4.63
N GLU D 87 49.45 27.14 5.37
CA GLU D 87 49.52 25.68 5.30
C GLU D 87 48.20 24.99 5.66
N LEU D 88 47.47 25.50 6.65
CA LEU D 88 46.30 24.78 7.13
C LEU D 88 45.05 25.04 6.31
N GLU D 89 45.06 26.05 5.44
CA GLU D 89 43.95 26.27 4.51
C GLU D 89 43.81 25.09 3.55
N GLU D 90 44.92 24.65 2.96
CA GLU D 90 44.93 23.58 1.96
C GLU D 90 44.93 22.19 2.57
N HIS D 91 44.72 22.05 3.88
CA HIS D 91 44.80 20.76 4.51
C HIS D 91 43.50 19.99 4.30
N LYS D 92 43.60 18.66 4.32
CA LYS D 92 42.47 17.79 4.04
C LYS D 92 42.01 17.09 5.30
N ILE D 93 40.79 16.53 5.21
CA ILE D 93 40.23 15.81 6.34
C ILE D 93 40.89 14.44 6.50
N GLU D 94 41.07 13.72 5.40
CA GLU D 94 41.70 12.41 5.48
C GLU D 94 43.19 12.51 5.76
N THR D 95 43.82 13.63 5.39
CA THR D 95 45.23 13.81 5.71
C THR D 95 45.42 14.06 7.20
N TRP D 96 44.58 14.89 7.80
CA TRP D 96 44.64 15.08 9.24
C TRP D 96 44.21 13.83 9.98
N ARG D 97 43.30 13.05 9.39
CA ARG D 97 42.95 11.75 9.95
C ARG D 97 44.16 10.82 9.98
N GLU D 98 44.92 10.79 8.88
CA GLU D 98 46.06 9.87 8.80
C GLU D 98 47.18 10.29 9.75
N VAL D 99 47.49 11.58 9.81
CA VAL D 99 48.55 12.02 10.72
C VAL D 99 48.09 11.99 12.17
N TYR D 100 46.79 12.16 12.42
CA TYR D 100 46.29 12.22 13.79
C TYR D 100 46.32 10.86 14.47
N LEU D 101 46.14 9.78 13.72
CA LEU D 101 46.16 8.43 14.28
C LEU D 101 47.55 7.81 14.23
N GLN D 102 48.60 8.63 14.13
CA GLN D 102 49.94 8.14 14.34
C GLN D 102 50.16 7.80 15.81
N ASP D 103 49.55 8.56 16.72
CA ASP D 103 49.76 8.37 18.15
C ASP D 103 48.92 7.21 18.69
N SER D 104 47.66 7.14 18.31
CA SER D 104 46.77 6.08 18.78
C SER D 104 45.67 5.88 17.75
N PHE D 105 45.09 4.68 17.77
CA PHE D 105 44.07 4.28 16.80
C PHE D 105 42.73 4.15 17.53
N LYS D 106 41.93 5.21 17.49
CA LYS D 106 40.62 5.23 18.11
C LYS D 106 39.53 5.15 17.03
N PRO D 107 38.88 4.01 16.85
CA PRO D 107 37.87 3.89 15.79
C PRO D 107 36.56 4.59 16.12
N LEU D 108 35.58 4.44 15.24
CA LEU D 108 34.28 5.06 15.41
C LEU D 108 33.37 4.10 16.17
N VAL D 109 32.66 4.64 17.17
CA VAL D 109 31.74 3.85 17.99
C VAL D 109 30.31 4.28 17.68
N CYS D 110 29.41 3.30 17.62
CA CYS D 110 28.01 3.55 17.32
C CYS D 110 27.16 2.54 18.08
N ILE D 111 25.89 2.90 18.28
CA ILE D 111 24.94 2.05 18.98
C ILE D 111 23.64 2.01 18.19
N SER D 112 23.00 0.84 18.18
CA SER D 112 21.69 0.71 17.54
C SER D 112 20.64 1.48 18.33
N PRO D 113 19.71 2.16 17.66
CA PRO D 113 18.66 2.89 18.39
C PRO D 113 17.66 1.98 19.07
N ASN D 114 17.64 0.69 18.74
CA ASN D 114 16.79 -0.26 19.46
C ASN D 114 17.38 -0.66 20.81
N ALA D 115 18.67 -0.47 21.00
CA ALA D 115 19.31 -0.77 22.27
C ALA D 115 18.86 0.21 23.34
N SER D 116 19.12 -0.14 24.59
CA SER D 116 18.63 0.61 25.73
C SER D 116 19.45 1.89 25.95
N LEU D 117 18.83 2.84 26.65
CA LEU D 117 19.51 4.08 27.03
C LEU D 117 20.71 3.78 27.94
N PHE D 118 20.59 2.76 28.79
CA PHE D 118 21.68 2.40 29.67
C PHE D 118 22.96 2.07 28.88
N ASP D 119 22.82 1.35 27.77
CA ASP D 119 24.01 1.03 26.98
C ASP D 119 24.57 2.26 26.30
N ALA D 120 23.71 3.25 26.00
CA ALA D 120 24.19 4.48 25.40
C ALA D 120 25.01 5.29 26.40
N VAL D 121 24.47 5.55 27.58
CA VAL D 121 25.23 6.29 28.58
C VAL D 121 26.39 5.47 29.12
N SER D 122 26.38 4.15 28.92
CA SER D 122 27.56 3.33 29.23
C SER D 122 28.67 3.58 28.22
N SER D 123 28.33 3.61 26.93
CA SER D 123 29.32 3.96 25.92
C SER D 123 29.84 5.38 26.12
N LEU D 124 28.96 6.30 26.51
CA LEU D 124 29.36 7.69 26.71
C LEU D 124 30.48 7.81 27.74
N ILE D 125 30.25 7.29 28.94
CA ILE D 125 31.24 7.38 30.01
C ILE D 125 32.49 6.60 29.66
N ARG D 126 32.32 5.36 29.20
CA ARG D 126 33.44 4.43 29.05
C ARG D 126 34.39 4.85 27.94
N ASN D 127 33.95 5.68 27.00
CA ASN D 127 34.82 6.21 25.96
C ASN D 127 35.04 7.72 26.07
N LYS D 128 34.41 8.36 27.06
CA LYS D 128 34.59 9.80 27.32
C LYS D 128 34.29 10.63 26.08
N ILE D 129 33.20 10.29 25.40
CA ILE D 129 32.78 10.96 24.18
C ILE D 129 31.42 11.60 24.42
N HIS D 130 31.29 12.87 24.02
CA HIS D 130 30.01 13.59 24.17
C HIS D 130 29.03 13.31 23.04
N ARG D 131 29.51 12.83 21.89
CA ARG D 131 28.71 12.77 20.66
C ARG D 131 28.63 11.31 20.21
N LEU D 132 27.48 10.69 20.45
CA LEU D 132 27.30 9.25 20.20
C LEU D 132 26.24 9.07 19.12
N PRO D 133 26.64 8.78 17.89
CA PRO D 133 25.66 8.54 16.83
C PRO D 133 24.84 7.30 17.09
N VAL D 134 23.65 7.26 16.49
CA VAL D 134 22.81 6.07 16.43
C VAL D 134 22.65 5.66 14.98
N ILE D 135 22.99 4.41 14.67
CA ILE D 135 22.92 3.88 13.32
C ILE D 135 22.09 2.61 13.35
N ASP D 136 21.01 2.59 12.56
CA ASP D 136 20.17 1.40 12.48
C ASP D 136 20.96 0.28 11.79
N PRO D 137 20.88 -0.95 12.30
CA PRO D 137 21.62 -2.04 11.65
C PRO D 137 21.06 -2.41 10.28
N GLU D 138 19.73 -2.33 10.10
CA GLU D 138 19.13 -2.70 8.83
C GLU D 138 19.40 -1.64 7.76
N SER D 139 18.96 -0.40 7.99
CA SER D 139 19.06 0.64 6.98
C SER D 139 20.48 1.21 6.88
N GLY D 140 21.26 1.13 7.96
CA GLY D 140 22.60 1.68 7.95
C GLY D 140 22.69 3.18 8.02
N ASN D 141 21.57 3.87 8.23
CA ASN D 141 21.52 5.32 8.22
C ASN D 141 21.75 5.89 9.62
N THR D 142 22.40 7.05 9.68
CA THR D 142 22.73 7.71 10.94
C THR D 142 21.61 8.68 11.28
N LEU D 143 20.72 8.26 12.17
CA LEU D 143 19.56 9.06 12.55
C LEU D 143 19.96 10.35 13.27
N TYR D 144 20.54 10.21 14.45
CA TYR D 144 20.75 11.33 15.36
C TYR D 144 22.11 11.17 16.02
N ILE D 145 22.53 12.21 16.75
CA ILE D 145 23.75 12.16 17.55
C ILE D 145 23.35 12.44 18.98
N LEU D 146 23.33 11.41 19.82
CA LEU D 146 22.90 11.56 21.20
C LEU D 146 23.88 12.41 22.00
N THR D 147 23.34 13.20 22.92
CA THR D 147 24.14 14.09 23.75
C THR D 147 23.77 13.90 25.22
N HIS D 148 24.73 14.24 26.09
CA HIS D 148 24.47 14.27 27.53
C HIS D 148 23.28 15.17 27.85
N LYS D 149 23.27 16.39 27.29
CA LYS D 149 22.27 17.40 27.67
C LYS D 149 20.86 16.89 27.42
N ARG D 150 20.63 16.23 26.29
CA ARG D 150 19.32 15.66 26.00
C ARG D 150 18.92 14.62 27.04
N ILE D 151 19.86 13.75 27.42
CA ILE D 151 19.51 12.65 28.32
C ILE D 151 19.21 13.19 29.71
N LEU D 152 19.89 14.27 30.12
CA LEU D 152 19.66 14.81 31.45
C LEU D 152 18.39 15.65 31.49
N LYS D 153 18.09 16.38 30.41
CA LYS D 153 16.81 17.07 30.33
C LYS D 153 15.66 16.08 30.33
N PHE D 154 15.84 14.94 29.67
CA PHE D 154 14.80 13.92 29.62
C PHE D 154 14.67 13.17 30.94
N LEU D 155 15.74 13.11 31.71
CA LEU D 155 15.64 12.49 33.03
C LEU D 155 14.90 13.40 33.99
N LYS D 156 15.29 14.68 34.06
CA LYS D 156 14.69 15.59 35.04
C LYS D 156 13.23 15.90 34.70
N LEU D 157 12.95 16.22 33.44
CA LEU D 157 11.59 16.57 33.09
C LEU D 157 10.63 15.40 33.28
N PHE D 158 11.04 14.18 32.92
CA PHE D 158 10.13 13.04 33.01
C PHE D 158 9.74 12.73 34.45
N ILE D 159 10.68 12.87 35.40
CA ILE D 159 10.44 12.37 36.74
C ILE D 159 9.32 13.16 37.41
N THR D 160 8.53 12.48 38.21
CA THR D 160 7.37 13.04 38.88
C THR D 160 7.50 12.78 40.38
N GLU D 161 6.74 13.55 41.16
CA GLU D 161 6.93 13.54 42.62
C GLU D 161 6.69 12.16 43.22
N PHE D 162 5.72 11.40 42.70
CA PHE D 162 5.45 10.09 43.26
C PHE D 162 6.55 9.07 42.97
N PRO D 163 7.17 9.07 41.79
CA PRO D 163 8.41 8.30 41.59
C PRO D 163 9.71 9.04 41.88
N LYS D 164 9.68 10.24 42.47
CA LYS D 164 10.93 10.90 42.85
C LYS D 164 11.62 10.12 43.96
N PRO D 165 12.94 9.95 43.88
CA PRO D 165 13.65 9.17 44.89
C PRO D 165 13.77 9.91 46.21
N GLU D 166 14.26 9.17 47.22
CA GLU D 166 14.56 9.69 48.54
C GLU D 166 15.94 10.34 48.62
N PHE D 167 16.65 10.40 47.50
CA PHE D 167 17.99 10.94 47.39
C PHE D 167 18.01 12.45 47.24
N MET D 168 16.82 13.08 47.17
CA MET D 168 16.72 14.52 47.02
C MET D 168 17.28 15.26 48.22
N SER D 169 17.18 14.67 49.42
CA SER D 169 17.47 15.40 50.65
C SER D 169 18.95 15.79 50.76
N LYS D 170 19.85 14.93 50.28
CA LYS D 170 21.28 15.18 50.43
C LYS D 170 21.73 16.37 49.60
N SER D 171 22.64 17.16 50.16
CA SER D 171 23.14 18.36 49.52
C SER D 171 24.34 18.04 48.64
N LEU D 172 24.68 19.01 47.79
CA LEU D 172 25.73 18.80 46.78
C LEU D 172 27.10 18.60 47.44
N GLU D 173 27.45 19.49 48.37
CA GLU D 173 28.68 19.39 49.13
C GLU D 173 28.96 17.99 49.66
N GLU D 174 28.07 17.49 50.52
CA GLU D 174 28.35 16.29 51.31
C GLU D 174 28.51 15.06 50.42
N LEU D 175 27.84 15.06 49.27
CA LEU D 175 27.85 13.92 48.36
C LEU D 175 29.17 13.79 47.59
N GLN D 176 29.94 14.88 47.47
CA GLN D 176 31.27 14.89 46.85
C GLN D 176 31.20 14.38 45.41
N ILE D 177 30.53 15.16 44.58
CA ILE D 177 30.46 14.92 43.14
C ILE D 177 31.10 16.10 42.42
N GLY D 178 32.04 15.80 41.52
CA GLY D 178 32.71 16.77 40.67
C GLY D 178 34.21 16.66 40.82
N THR D 179 34.92 17.60 40.21
CA THR D 179 36.36 17.73 40.37
C THR D 179 36.62 18.97 41.22
N TYR D 180 37.12 18.75 42.44
CA TYR D 180 37.31 19.84 43.38
C TYR D 180 38.78 20.18 43.60
N ALA D 181 39.70 19.33 43.16
CA ALA D 181 41.12 19.53 43.49
C ALA D 181 41.79 20.52 42.55
N ASN D 182 41.85 20.20 41.26
CA ASN D 182 42.65 20.95 40.29
C ASN D 182 41.69 21.68 39.35
N ILE D 183 41.40 22.94 39.67
CA ILE D 183 40.53 23.77 38.86
C ILE D 183 41.39 24.54 37.86
N ALA D 184 41.33 24.15 36.58
CA ALA D 184 42.04 24.88 35.54
C ALA D 184 41.35 26.22 35.27
N MET D 185 42.13 27.29 35.31
CA MET D 185 41.60 28.64 35.13
C MET D 185 42.49 29.44 34.19
N VAL D 186 41.91 30.49 33.63
CA VAL D 186 42.66 31.48 32.87
C VAL D 186 42.20 32.87 33.27
N ARG D 187 43.08 33.85 33.06
CA ARG D 187 42.78 35.25 33.35
C ARG D 187 42.10 35.88 32.14
N THR D 188 41.32 36.93 32.40
CA THR D 188 40.62 37.64 31.33
C THR D 188 41.55 38.45 30.44
N THR D 189 42.82 38.57 30.78
CA THR D 189 43.79 39.25 29.92
C THR D 189 44.68 38.28 29.18
N THR D 190 44.53 36.96 29.42
CA THR D 190 45.32 35.95 28.72
C THR D 190 44.70 35.66 27.36
N PRO D 191 45.52 35.40 26.33
CA PRO D 191 44.98 35.12 25.00
C PRO D 191 44.22 33.80 24.93
N VAL D 192 43.65 33.54 23.76
CA VAL D 192 42.95 32.30 23.53
C VAL D 192 43.92 31.13 23.48
N TYR D 193 45.10 31.34 22.90
CA TYR D 193 46.05 30.26 22.63
C TYR D 193 46.29 29.40 23.85
N VAL D 194 46.50 30.02 25.02
CA VAL D 194 46.79 29.24 26.22
C VAL D 194 45.57 28.44 26.65
N ALA D 195 44.39 29.06 26.63
CA ALA D 195 43.17 28.31 26.87
C ALA D 195 43.09 27.09 25.97
N LEU D 196 43.51 27.24 24.71
CA LEU D 196 43.46 26.12 23.76
C LEU D 196 44.47 25.04 24.13
N GLY D 197 45.68 25.44 24.46
CA GLY D 197 46.63 24.54 25.09
C GLY D 197 46.01 23.74 26.20
N ILE D 198 45.33 24.41 27.12
CA ILE D 198 44.77 23.75 28.29
C ILE D 198 43.66 22.79 27.86
N PHE D 199 42.88 23.18 26.86
CA PHE D 199 41.88 22.29 26.30
C PHE D 199 42.52 21.01 25.77
N VAL D 200 43.54 21.15 24.92
CA VAL D 200 44.07 19.97 24.21
C VAL D 200 44.86 19.09 25.17
N GLN D 201 45.58 19.68 26.12
CA GLN D 201 46.43 18.89 27.00
C GLN D 201 45.61 18.16 28.06
N HIS D 202 44.57 18.82 28.61
CA HIS D 202 43.72 18.22 29.62
C HIS D 202 42.47 17.62 28.96
N ARG D 203 41.53 17.19 29.78
CA ARG D 203 40.24 16.67 29.31
C ARG D 203 39.10 17.64 29.60
N VAL D 204 39.41 18.94 29.70
CA VAL D 204 38.45 19.94 30.13
C VAL D 204 37.57 20.37 28.96
N SER D 205 36.33 20.69 29.27
CA SER D 205 35.35 21.09 28.25
C SER D 205 35.16 22.60 28.15
N ALA D 206 35.47 23.35 29.21
CA ALA D 206 35.43 24.80 29.17
C ALA D 206 36.28 25.35 30.28
N LEU D 207 36.51 26.66 30.26
CA LEU D 207 37.24 27.35 31.32
C LEU D 207 36.44 28.57 31.76
N PRO D 208 36.07 28.67 33.04
CA PRO D 208 35.48 29.91 33.57
C PRO D 208 36.57 30.91 33.91
N VAL D 209 36.55 32.06 33.23
CA VAL D 209 37.61 33.06 33.37
C VAL D 209 37.43 33.81 34.69
N VAL D 210 38.55 34.23 35.26
CA VAL D 210 38.55 34.91 36.55
C VAL D 210 39.23 36.27 36.42
N ASP D 211 38.92 37.15 37.36
CA ASP D 211 39.51 38.48 37.45
C ASP D 211 40.72 38.44 38.39
N GLU D 212 41.19 39.62 38.83
CA GLU D 212 42.30 39.68 39.76
C GLU D 212 41.96 39.01 41.08
N LYS D 213 40.72 39.21 41.56
CA LYS D 213 40.30 38.60 42.81
C LYS D 213 40.08 37.10 42.66
N GLY D 214 39.56 36.68 41.51
CA GLY D 214 39.21 35.28 41.31
C GLY D 214 37.71 35.07 41.30
N ARG D 215 36.97 36.05 40.78
CA ARG D 215 35.52 35.99 40.67
C ARG D 215 35.16 35.76 39.20
N VAL D 216 34.35 34.74 38.93
CA VAL D 216 34.03 34.36 37.56
C VAL D 216 33.08 35.40 36.97
N VAL D 217 33.57 36.17 36.00
CA VAL D 217 32.76 37.18 35.33
C VAL D 217 32.18 36.68 34.00
N ASP D 218 32.77 35.65 33.40
CA ASP D 218 32.30 35.08 32.14
C ASP D 218 32.87 33.67 32.05
N ILE D 219 32.68 33.03 30.91
CA ILE D 219 33.20 31.68 30.68
C ILE D 219 33.69 31.60 29.23
N TYR D 220 34.59 30.66 28.98
CA TYR D 220 35.15 30.45 27.64
C TYR D 220 34.96 28.98 27.28
N SER D 221 34.00 28.71 26.40
CA SER D 221 33.60 27.35 26.04
C SER D 221 34.31 26.89 24.78
N LYS D 222 34.36 25.56 24.61
CA LYS D 222 34.86 24.98 23.38
C LYS D 222 33.91 25.20 22.21
N PHE D 223 32.66 25.58 22.50
CA PHE D 223 31.72 25.93 21.45
C PHE D 223 31.84 27.38 21.00
N ASP D 224 32.36 28.26 21.87
CA ASP D 224 32.47 29.67 21.52
C ASP D 224 33.46 29.91 20.38
N VAL D 225 34.44 29.02 20.21
CA VAL D 225 35.55 29.26 19.28
C VAL D 225 35.10 29.32 17.83
N ILE D 226 33.92 28.78 17.51
CA ILE D 226 33.47 28.81 16.12
C ILE D 226 33.14 30.23 15.65
N ASN D 227 32.92 31.17 16.57
CA ASN D 227 32.67 32.55 16.16
C ASN D 227 33.91 33.18 15.53
N LEU D 228 35.10 32.64 15.81
CA LEU D 228 36.28 33.02 15.04
C LEU D 228 36.13 32.65 13.57
N ALA D 229 35.74 31.42 13.29
CA ALA D 229 35.51 30.99 11.92
C ALA D 229 34.26 31.61 11.31
N ALA D 230 33.39 32.21 12.11
CA ALA D 230 32.19 32.87 11.62
C ALA D 230 32.47 34.32 11.22
N GLU D 231 33.19 35.06 12.06
CA GLU D 231 33.50 36.46 11.80
C GLU D 231 34.88 36.64 11.18
N LYS D 232 35.52 35.55 10.75
CA LYS D 232 36.84 35.57 10.13
C LYS D 232 37.89 36.23 11.04
N THR D 233 37.86 35.86 12.33
CA THR D 233 38.84 36.33 13.30
C THR D 233 39.69 35.17 13.86
N TYR D 234 39.74 34.03 13.16
CA TYR D 234 40.62 32.93 13.53
C TYR D 234 42.06 33.19 13.15
N ASN D 235 42.32 34.26 12.39
CA ASN D 235 43.67 34.56 11.96
C ASN D 235 44.54 35.02 13.13
N ASN D 236 43.97 35.85 14.02
CA ASN D 236 44.70 36.44 15.14
C ASN D 236 44.32 35.72 16.42
N LEU D 237 45.27 34.98 17.00
CA LEU D 237 45.08 34.34 18.30
C LEU D 237 45.78 35.07 19.43
N ASP D 238 46.41 36.20 19.13
CA ASP D 238 47.12 36.96 20.16
C ASP D 238 46.16 37.70 21.07
N VAL D 239 44.97 38.05 20.58
CA VAL D 239 44.03 38.82 21.38
C VAL D 239 43.51 37.99 22.55
N SER D 240 43.10 38.69 23.60
CA SER D 240 42.64 38.04 24.82
C SER D 240 41.25 37.46 24.62
N VAL D 241 40.80 36.71 25.63
CA VAL D 241 39.46 36.14 25.63
C VAL D 241 38.38 37.17 25.89
N THR D 242 38.74 38.36 26.37
CA THR D 242 37.77 39.44 26.52
C THR D 242 37.44 40.06 25.18
N LYS D 243 38.45 40.17 24.31
CA LYS D 243 38.22 40.64 22.96
C LYS D 243 37.34 39.67 22.17
N ALA D 244 37.49 38.37 22.42
CA ALA D 244 36.73 37.37 21.68
C ALA D 244 35.29 37.24 22.17
N LEU D 245 35.05 37.51 23.45
CA LEU D 245 33.72 37.45 24.05
C LEU D 245 33.02 38.80 24.03
N GLN D 246 33.70 39.84 23.57
CA GLN D 246 33.10 41.17 23.46
C GLN D 246 31.88 41.20 22.56
N HIS D 247 31.75 40.24 21.63
CA HIS D 247 30.69 40.28 20.63
C HIS D 247 29.31 40.19 21.26
N ARG D 248 29.16 39.40 22.32
CA ARG D 248 27.86 39.18 22.97
C ARG D 248 27.75 39.87 24.32
N SER D 249 28.56 40.91 24.57
CA SER D 249 28.52 41.61 25.84
C SER D 249 27.22 42.37 26.06
N HIS D 250 26.47 42.67 24.99
CA HIS D 250 25.16 43.31 25.08
C HIS D 250 24.04 42.30 25.24
N TYR D 251 24.34 41.00 25.18
CA TYR D 251 23.34 39.96 25.01
C TYR D 251 23.21 39.01 26.18
N PHE D 252 24.33 38.55 26.76
CA PHE D 252 24.26 37.56 27.82
C PHE D 252 23.71 38.19 29.10
N GLU D 253 22.93 37.41 29.84
CA GLU D 253 22.31 37.89 31.07
C GLU D 253 23.32 37.95 32.22
N GLY D 254 23.90 36.80 32.55
CA GLY D 254 24.87 36.76 33.63
C GLY D 254 25.46 35.37 33.73
N VAL D 255 26.27 35.18 34.77
CA VAL D 255 26.93 33.90 35.01
C VAL D 255 25.95 32.97 35.71
N LEU D 256 25.72 31.79 35.12
CA LEU D 256 24.84 30.80 35.72
C LEU D 256 25.62 29.99 36.74
N LYS D 257 25.18 30.05 38.01
CA LYS D 257 25.95 29.49 39.10
C LYS D 257 25.04 29.06 40.24
N CYS D 258 25.50 28.05 41.00
CA CYS D 258 24.79 27.53 42.16
C CYS D 258 25.69 27.50 43.38
N TYR D 259 25.25 26.88 44.47
CA TYR D 259 26.00 26.82 45.72
C TYR D 259 26.06 25.38 46.22
N LEU D 260 26.78 25.18 47.33
CA LEU D 260 26.90 23.87 47.94
C LEU D 260 25.78 23.54 48.91
N HIS D 261 25.05 24.56 49.38
CA HIS D 261 23.99 24.35 50.35
C HIS D 261 22.62 24.14 49.71
N GLU D 262 22.48 24.38 48.41
CA GLU D 262 21.20 24.16 47.75
C GLU D 262 20.96 22.66 47.55
N THR D 263 19.72 22.33 47.19
CA THR D 263 19.36 20.95 46.94
C THR D 263 19.67 20.58 45.49
N LEU D 264 19.92 19.29 45.27
CA LEU D 264 20.27 18.83 43.93
C LEU D 264 19.11 18.98 42.97
N GLU D 265 17.88 18.93 43.48
CA GLU D 265 16.69 19.19 42.68
C GLU D 265 16.77 20.55 41.99
N THR D 266 16.89 21.61 42.79
CA THR D 266 16.92 22.97 42.26
C THR D 266 18.12 23.19 41.34
N ILE D 267 19.22 22.46 41.59
CA ILE D 267 20.40 22.62 40.77
C ILE D 267 20.15 22.03 39.38
N ILE D 268 19.63 20.80 39.33
CA ILE D 268 19.34 20.21 38.03
C ILE D 268 18.20 20.96 37.33
N ASN D 269 17.29 21.59 38.08
CA ASN D 269 16.20 22.33 37.44
C ASN D 269 16.68 23.65 36.85
N ARG D 270 17.64 24.31 37.50
CA ARG D 270 18.24 25.50 36.92
C ARG D 270 19.23 25.14 35.83
N LEU D 271 19.71 23.89 35.80
CA LEU D 271 20.58 23.42 34.74
C LEU D 271 19.80 23.07 33.48
N VAL D 272 18.63 22.43 33.62
CA VAL D 272 17.77 22.20 32.47
C VAL D 272 17.02 23.46 32.07
N GLU D 273 16.93 24.45 32.95
CA GLU D 273 16.24 25.69 32.62
C GLU D 273 17.16 26.70 31.95
N ALA D 274 18.46 26.66 32.25
CA ALA D 274 19.43 27.47 31.53
C ALA D 274 20.06 26.77 30.34
N GLU D 275 19.94 25.43 30.28
CA GLU D 275 20.43 24.64 29.13
C GLU D 275 21.94 24.79 28.93
N VAL D 276 22.69 24.76 30.03
CA VAL D 276 24.14 24.91 29.99
C VAL D 276 24.80 23.58 30.33
N HIS D 277 26.12 23.55 30.21
CA HIS D 277 26.87 22.34 30.45
C HIS D 277 27.33 22.18 31.90
N ARG D 278 27.38 23.27 32.66
CA ARG D 278 27.86 23.21 34.04
C ARG D 278 27.37 24.42 34.81
N LEU D 279 27.40 24.29 36.14
CA LEU D 279 27.08 25.36 37.07
C LEU D 279 28.26 25.53 38.01
N VAL D 280 28.97 26.65 37.88
CA VAL D 280 30.15 26.91 38.69
C VAL D 280 29.73 27.17 40.12
N VAL D 281 30.20 26.35 41.05
CA VAL D 281 29.84 26.48 42.46
C VAL D 281 30.75 27.52 43.11
N VAL D 282 30.15 28.52 43.74
CA VAL D 282 30.90 29.62 44.34
C VAL D 282 30.49 29.80 45.79
N ASP D 283 31.01 30.85 46.43
CA ASP D 283 30.67 31.16 47.82
C ASP D 283 30.30 32.63 47.94
N GLU D 284 30.13 33.11 49.18
CA GLU D 284 29.86 34.53 49.37
C GLU D 284 31.03 35.35 48.87
N ASN D 285 32.26 34.84 49.04
CA ASN D 285 33.43 35.50 48.44
C ASN D 285 33.30 35.48 46.89
N ASP D 286 32.81 34.35 46.31
CA ASP D 286 32.74 34.03 44.87
C ASP D 286 34.02 33.34 44.40
N VAL D 287 34.87 32.92 45.34
CA VAL D 287 36.02 32.11 44.96
C VAL D 287 35.52 30.76 44.47
N VAL D 288 36.23 30.21 43.49
CA VAL D 288 35.79 29.00 42.80
C VAL D 288 36.45 27.79 43.47
N LYS D 289 35.65 27.06 44.26
CA LYS D 289 36.15 25.84 44.90
C LYS D 289 36.20 24.67 43.93
N GLY D 290 35.06 24.33 43.33
CA GLY D 290 34.99 23.16 42.45
C GLY D 290 34.05 23.36 41.29
N ILE D 291 34.26 22.55 40.24
CA ILE D 291 33.47 22.59 39.02
C ILE D 291 32.76 21.27 38.85
N VAL D 292 31.47 21.32 38.58
CA VAL D 292 30.68 20.13 38.30
C VAL D 292 30.49 20.03 36.80
N SER D 293 30.10 18.84 36.33
CA SER D 293 29.90 18.61 34.91
C SER D 293 28.64 17.78 34.69
N LEU D 294 28.12 17.84 33.47
CA LEU D 294 27.00 16.98 33.10
C LEU D 294 27.38 15.52 33.15
N SER D 295 28.59 15.18 32.68
CA SER D 295 29.03 13.79 32.66
C SER D 295 29.08 13.20 34.06
N ASP D 296 29.52 14.00 35.04
CA ASP D 296 29.56 13.52 36.42
C ASP D 296 28.15 13.21 36.93
N ILE D 297 27.18 14.07 36.60
CA ILE D 297 25.81 13.84 37.04
C ILE D 297 25.26 12.56 36.41
N LEU D 298 25.53 12.33 35.13
CA LEU D 298 25.10 11.10 34.48
C LEU D 298 25.75 9.88 35.12
N GLN D 299 27.04 9.98 35.44
CA GLN D 299 27.75 8.88 36.07
C GLN D 299 27.14 8.56 37.43
N ALA D 300 26.76 9.59 38.19
CA ALA D 300 26.10 9.35 39.46
C ALA D 300 24.73 8.71 39.25
N LEU D 301 24.00 9.16 38.23
CA LEU D 301 22.66 8.61 37.99
C LEU D 301 22.71 7.14 37.61
N VAL D 302 23.64 6.75 36.74
CA VAL D 302 23.67 5.36 36.28
C VAL D 302 24.03 4.42 37.42
N LEU D 303 24.89 4.85 38.34
CA LEU D 303 25.26 4.00 39.46
C LEU D 303 25.08 4.71 40.80
C1 GLC E . -17.86 -32.11 -19.10
C2 GLC E . -19.23 -31.99 -19.79
C3 GLC E . -20.13 -30.96 -19.09
C4 GLC E . -20.14 -31.16 -17.56
C5 GLC E . -18.71 -31.40 -17.04
C6 GLC E . -18.76 -31.71 -15.54
O1 GLC E . -17.13 -30.87 -19.20
O2 GLC E . -19.03 -31.59 -21.15
O3 GLC E . -21.46 -31.05 -19.62
O4 GLC E . -20.65 -29.98 -16.93
O5 GLC E . -18.06 -32.47 -17.73
O6 GLC E . -17.44 -31.66 -15.01
C1 GLC E . -21.98 -30.22 -16.46
C2 GLC E . -22.92 -29.14 -17.01
C3 GLC E . -22.42 -27.76 -16.56
C4 GLC E . -22.26 -27.75 -15.02
C5 GLC E . -21.44 -28.96 -14.56
C6 GLC E . -21.41 -28.97 -13.03
O2 GLC E . -22.97 -29.19 -18.44
O3 GLC E . -23.35 -26.75 -16.96
O4 GLC E . -21.58 -26.55 -14.63
O5 GLC E . -22.02 -30.19 -15.03
O6 GLC E . -20.76 -30.16 -12.58
PG ATP F . 26.44 20.68 24.43
O1G ATP F . 27.39 20.51 25.58
O2G ATP F . 25.15 19.90 24.56
O3G ATP F . 27.08 20.57 23.06
PB ATP F . 26.89 23.41 23.94
O1B ATP F . 28.35 23.00 24.00
O2B ATP F . 26.27 23.81 22.62
O3B ATP F . 25.98 22.22 24.55
PA ATP F . 27.26 24.68 26.43
O1A ATP F . 28.67 24.14 26.39
O2A ATP F . 26.24 24.11 27.39
O3A ATP F . 26.63 24.62 24.95
O5' ATP F . 27.32 26.27 26.62
C5' ATP F . 26.62 27.09 25.70
C4' ATP F . 26.80 28.54 26.09
O4' ATP F . 26.34 28.72 27.43
C3' ATP F . 28.26 28.95 26.02
O3' ATP F . 28.46 29.89 24.97
C2' ATP F . 28.55 29.60 27.35
O2' ATP F . 28.93 30.96 27.13
C1' ATP F . 27.26 29.55 28.15
N9 ATP F . 27.50 28.97 29.50
C8 ATP F . 27.61 27.65 29.78
N7 ATP F . 27.83 27.45 31.10
C5 ATP F . 27.87 28.65 31.70
C6 ATP F . 28.06 29.14 33.09
N6 ATP F . 28.27 28.28 34.12
N1 ATP F . 28.04 30.48 33.30
C2 ATP F . 27.83 31.34 32.28
N3 ATP F . 27.65 30.96 31.01
C4 ATP F . 27.66 29.65 30.65
P AMP G . 33.44 16.30 30.23
O1P AMP G . 32.91 15.13 29.60
O2P AMP G . 32.23 16.91 31.07
O3P AMP G . 34.05 17.19 29.07
O5' AMP G . 34.60 15.83 31.22
C5' AMP G . 34.52 14.60 31.92
C4' AMP G . 35.29 14.72 33.20
O4' AMP G . 36.29 15.77 33.08
C3' AMP G . 34.52 14.97 34.48
O3' AMP G . 34.50 13.83 35.30
C2' AMP G . 35.15 16.14 35.15
O2' AMP G . 35.61 15.96 36.47
C1' AMP G . 36.23 16.62 34.22
N9 AMP G . 36.21 18.03 33.85
C8 AMP G . 35.51 18.59 32.86
N7 AMP G . 35.73 19.93 32.84
C5 AMP G . 36.59 20.22 33.83
C6 AMP G . 37.16 21.43 34.26
N6 AMP G . 36.84 22.70 33.57
N1 AMP G . 38.01 21.39 35.31
C2 AMP G . 38.28 20.23 35.92
N3 AMP G . 37.76 19.06 35.53
C4 AMP G . 36.90 19.02 34.49
PB ADP H . 33.26 17.65 22.15
O1B ADP H . 33.04 18.82 21.22
O2B ADP H . 34.68 17.47 22.60
O3B ADP H . 32.24 17.54 23.26
PA ADP H . 33.41 14.89 21.64
O1A ADP H . 32.34 13.96 21.14
O2A ADP H . 33.77 14.86 23.10
O3A ADP H . 32.97 16.38 21.21
O5' ADP H . 34.71 14.59 20.74
C5' ADP H . 36.02 14.86 21.22
C4' ADP H . 36.98 14.14 20.29
O4' ADP H . 36.63 12.76 20.24
C3' ADP H . 36.87 14.68 18.88
O3' ADP H . 38.11 15.29 18.51
C2' ADP H . 36.58 13.50 17.98
O2' ADP H . 37.65 13.33 17.04
C1' ADP H . 36.52 12.29 18.90
N9 ADP H . 35.21 11.63 18.73
C8 ADP H . 34.03 12.26 18.80
N7 ADP H . 33.00 11.40 18.61
C5 ADP H . 33.53 10.18 18.40
C6 ADP H . 33.00 8.83 18.14
N6 ADP H . 31.68 8.59 18.04
N1 ADP H . 33.89 7.82 17.99
C2 ADP H . 35.22 8.04 18.08
N3 ADP H . 35.77 9.25 18.32
C4 ADP H . 34.98 10.34 18.48
#